data_5E5A
#
_entry.id   5E5A
#
_cell.length_a   106.700
_cell.length_b   109.474
_cell.length_c   181.976
_cell.angle_alpha   90.000
_cell.angle_beta   90.000
_cell.angle_gamma   90.000
#
_symmetry.space_group_name_H-M   'P 21 21 21'
#
loop_
_entity.id
_entity.type
_entity.pdbx_description
1 polymer 'DNA (146-MER)'
2 polymer 'Histone H3.2'
3 polymer 'Histone H4'
4 polymer 'Histone H2A'
5 polymer 'Histone H2B 1.1'
6 polymer 'C-terminal domain of Regulatory protein IE1'
7 non-polymer 'MAGNESIUM ION'
8 water water
#
loop_
_entity_poly.entity_id
_entity_poly.type
_entity_poly.pdbx_seq_one_letter_code
_entity_poly.pdbx_strand_id
1 'polydeoxyribonucleotide'
;(DA)(DT)(DC)(DA)(DA)(DT)(DA)(DT)(DC)(DC)(DA)(DC)(DC)(DT)(DG)(DC)(DA)(DG)(DA)(DT)
(DT)(DC)(DT)(DA)(DC)(DC)(DA)(DA)(DA)(DA)(DG)(DT)(DG)(DT)(DA)(DT)(DT)(DT)(DG)(DG)
(DA)(DA)(DA)(DC)(DT)(DG)(DC)(DT)(DC)(DC)(DA)(DT)(DC)(DA)(DA)(DA)(DA)(DG)(DG)(DC)
(DA)(DT)(DG)(DT)(DT)(DC)(DA)(DG)(DC)(DG)(DG)(DA)(DA)(DT)(DT)(DC)(DC)(DG)(DC)(DT)
(DG)(DA)(DA)(DC)(DA)(DT)(DG)(DC)(DC)(DT)(DT)(DT)(DT)(DG)(DA)(DT)(DG)(DG)(DA)(DG)
(DC)(DA)(DG)(DT)(DT)(DT)(DC)(DC)(DA)(DA)(DA)(DT)(DA)(DC)(DA)(DC)(DT)(DT)(DT)(DT)
(DG)(DG)(DT)(DA)(DG)(DA)(DA)(DT)(DC)(DT)(DG)(DC)(DA)(DG)(DG)(DT)(DG)(DG)(DA)(DT)
(DA)(DT)(DT)(DG)(DA)(DT)
;
I,J
2 'polypeptide(L)'
;MARTKQTARKSTGGKAPRKQLATKAARKSAPATGGVKKPHRYRPGTVALREIRRYQKSTELLIRKLPFQRLVREIAQDFK
TDLRFQSSAVMALQEASEAYLVALFEDTNLCAIHAKRVTIMPKDIQLARRIRGERA
;
A,E
3 'polypeptide(L)'
;MSGRGKGGKGLGKGGAKRHRKVLRDNIQGITKPAIRRLARRGGVKRISGLIYEETRGVLKVFLENVIRDAVTYTEHAKRK
TVTAMDVVYALKRQGRTLYGFGG
;
B,F
4 'polypeptide(L)'
;MSGRGKQGGKTRAKAKTRSSRAGLQFPVGRVHRLLRKGNYAERVGAGAPVYLAAVLEYLTAEILELAGNAARDNKKTRII
PRHLQLAVRNDEELNKLLGRVTIAQGGVLPNIQSVLLPKKTESSKSAKSK
;
C,G
5 'polypeptide(L)'
;MAKSAPAPKKGSKKAVTKTQKKDGKKRRKTRKESYAIYVYKVLKQVHPDTGISSKAMSIMNSFVNDVFERIAGEASRLAH
YNKRSTITSREIQTAVRLLLPGELAKHAVSEGTKAVTKYTSAK
;
D,H
6 'polypeptide(L)' GGKSTHPMVTRSKADQ K
#
# COMPACT_ATOMS: atom_id res chain seq x y z
N LYS C 38 -3.93 -23.01 53.69
CA LYS C 38 -3.61 -23.86 52.56
C LYS C 38 -3.37 -23.05 51.29
N PRO C 39 -2.30 -23.38 50.54
CA PRO C 39 -1.99 -22.71 49.27
C PRO C 39 -3.13 -22.81 48.27
N HIS C 40 -3.17 -21.88 47.33
CA HIS C 40 -4.21 -21.86 46.31
C HIS C 40 -3.60 -21.52 44.95
N ARG C 41 -3.82 -22.38 43.97
CA ARG C 41 -3.16 -22.21 42.68
C ARG C 41 -4.16 -22.26 41.53
N TYR C 42 -4.19 -21.18 40.75
CA TYR C 42 -4.99 -21.16 39.53
C TYR C 42 -4.39 -22.10 38.50
N ARG C 43 -5.25 -22.70 37.69
CA ARG C 43 -4.79 -23.63 36.67
C ARG C 43 -4.13 -22.89 35.50
N PRO C 44 -3.22 -23.56 34.80
CA PRO C 44 -2.58 -22.99 33.62
C PRO C 44 -3.62 -22.53 32.59
N GLY C 45 -3.57 -21.25 32.24
CA GLY C 45 -4.48 -20.70 31.25
C GLY C 45 -5.40 -19.68 31.88
N THR C 46 -5.64 -19.82 33.17
CA THR C 46 -6.61 -18.99 33.86
C THR C 46 -6.11 -17.57 34.00
N VAL C 47 -4.87 -17.44 34.45
CA VAL C 47 -4.28 -16.11 34.60
C VAL C 47 -3.99 -15.55 33.22
N ALA C 48 -3.64 -16.45 32.31
CA ALA C 48 -3.35 -16.07 30.93
C ALA C 48 -4.59 -15.40 30.35
N LEU C 49 -5.75 -16.00 30.56
CA LEU C 49 -6.99 -15.41 30.08
C LEU C 49 -7.30 -14.12 30.82
N ARG C 50 -6.97 -14.08 32.11
CA ARG C 50 -7.17 -12.88 32.91
C ARG C 50 -6.30 -11.74 32.42
N GLU C 51 -5.08 -12.08 32.00
CA GLU C 51 -4.15 -11.09 31.48
C GLU C 51 -4.56 -10.61 30.10
N ILE C 52 -5.07 -11.52 29.27
CA ILE C 52 -5.56 -11.10 27.97
C ILE C 52 -6.65 -10.05 28.14
N ARG C 53 -7.64 -10.34 28.97
CA ARG C 53 -8.75 -9.44 29.19
C ARG C 53 -8.24 -8.11 29.71
N ARG C 54 -7.21 -8.19 30.52
CA ARG C 54 -6.63 -7.03 31.17
C ARG C 54 -5.89 -6.11 30.21
N TYR C 55 -4.99 -6.66 29.42
CA TYR C 55 -4.20 -5.81 28.55
C TYR C 55 -4.96 -5.45 27.27
N GLN C 56 -6.01 -6.19 26.96
CA GLN C 56 -6.87 -5.82 25.85
C GLN C 56 -7.81 -4.67 26.24
N LYS C 57 -7.90 -4.41 27.53
CA LYS C 57 -8.77 -3.36 28.03
C LYS C 57 -8.02 -2.05 28.16
N SER C 58 -6.71 -2.12 28.35
CA SER C 58 -5.91 -0.93 28.54
C SER C 58 -5.11 -0.59 27.28
N THR C 59 -4.43 0.55 27.32
CA THR C 59 -3.71 1.06 26.16
C THR C 59 -2.28 1.48 26.45
N GLU C 60 -1.82 1.32 27.68
CA GLU C 60 -0.49 1.81 28.03
C GLU C 60 0.58 0.97 27.36
N LEU C 61 1.72 1.57 27.05
CA LEU C 61 2.80 0.82 26.44
C LEU C 61 3.26 -0.28 27.38
N LEU C 62 3.73 -1.39 26.81
CA LEU C 62 3.99 -2.57 27.60
C LEU C 62 5.46 -2.99 27.68
N ILE C 63 6.30 -2.32 26.90
CA ILE C 63 7.74 -2.46 27.06
C ILE C 63 8.21 -1.37 28.01
N ARG C 64 9.21 -1.64 28.83
CA ARG C 64 9.75 -0.63 29.72
C ARG C 64 10.42 0.45 28.87
N LYS C 65 10.23 1.71 29.22
CA LYS C 65 10.66 2.82 28.38
C LYS C 65 12.17 2.89 28.13
N LEU C 66 12.95 2.84 29.20
CA LEU C 66 14.39 3.01 29.11
C LEU C 66 15.10 1.92 28.31
N PRO C 67 14.77 0.64 28.53
CA PRO C 67 15.41 -0.37 27.68
C PRO C 67 15.15 -0.12 26.20
N PHE C 68 13.93 0.27 25.87
CA PHE C 68 13.53 0.52 24.50
C PHE C 68 14.31 1.70 23.95
N GLN C 69 14.46 2.71 24.77
CA GLN C 69 15.20 3.90 24.39
C GLN C 69 16.68 3.57 24.14
N ARG C 70 17.24 2.66 24.93
CA ARG C 70 18.62 2.21 24.72
C ARG C 70 18.76 1.50 23.40
N LEU C 71 17.78 0.65 23.11
CA LEU C 71 17.77 -0.14 21.87
C LEU C 71 17.67 0.73 20.64
N VAL C 72 16.85 1.75 20.71
CA VAL C 72 16.64 2.64 19.59
C VAL C 72 17.91 3.41 19.26
N ARG C 73 18.56 3.93 20.29
CA ARG C 73 19.79 4.69 20.09
C ARG C 73 20.92 3.79 19.60
N GLU C 74 20.99 2.57 20.10
CA GLU C 74 21.97 1.59 19.65
C GLU C 74 21.85 1.33 18.17
N ILE C 75 20.64 1.02 17.73
CA ILE C 75 20.36 0.71 16.35
C ILE C 75 20.67 1.90 15.45
N ALA C 76 20.30 3.09 15.89
CA ALA C 76 20.51 4.31 15.11
C ALA C 76 21.99 4.66 14.95
N GLN C 77 22.79 4.35 15.99
CA GLN C 77 24.22 4.64 16.00
C GLN C 77 24.92 4.08 14.78
N ASP C 78 24.47 2.92 14.32
CA ASP C 78 25.01 2.32 13.11
C ASP C 78 24.70 3.13 11.85
N PHE C 79 23.68 3.98 11.91
CA PHE C 79 23.34 4.75 10.71
C PHE C 79 23.99 6.12 10.73
N LYS C 80 24.03 6.76 11.89
CA LYS C 80 24.71 8.03 12.02
C LYS C 80 25.12 8.18 13.48
N THR C 81 26.35 8.64 13.71
CA THR C 81 26.84 8.77 15.08
C THR C 81 26.52 10.14 15.64
N ASP C 82 26.51 10.23 16.96
CA ASP C 82 26.22 11.47 17.67
C ASP C 82 24.87 12.01 17.24
N LEU C 83 23.84 11.21 17.50
CA LEU C 83 22.48 11.60 17.20
C LEU C 83 21.72 11.93 18.47
N ARG C 84 20.90 12.96 18.38
CA ARG C 84 19.96 13.24 19.44
C ARG C 84 18.57 12.89 18.95
N PHE C 85 17.68 12.61 19.89
CA PHE C 85 16.30 12.24 19.57
C PHE C 85 15.35 13.13 20.33
N GLN C 86 14.40 13.74 19.64
CA GLN C 86 13.29 14.38 20.31
C GLN C 86 12.61 13.36 21.21
N SER C 87 12.08 13.82 22.32
CA SER C 87 11.42 12.93 23.27
C SER C 87 10.26 12.20 22.59
N SER C 88 9.50 12.92 21.78
CA SER C 88 8.35 12.37 21.08
C SER C 88 8.73 11.38 19.98
N ALA C 89 9.91 11.53 19.40
CA ALA C 89 10.33 10.65 18.33
C ALA C 89 10.52 9.24 18.87
N VAL C 90 11.06 9.15 20.08
CA VAL C 90 11.29 7.85 20.69
C VAL C 90 9.95 7.25 21.07
N MET C 91 9.04 8.09 21.56
CA MET C 91 7.71 7.63 21.89
C MET C 91 6.98 7.15 20.65
N ALA C 92 7.08 7.89 19.55
CA ALA C 92 6.46 7.49 18.29
C ALA C 92 6.98 6.13 17.86
N LEU C 93 8.28 5.92 17.95
CA LEU C 93 8.83 4.63 17.60
C LEU C 93 8.27 3.53 18.48
N GLN C 94 7.96 3.86 19.73
CA GLN C 94 7.46 2.82 20.63
C GLN C 94 5.99 2.53 20.32
N GLU C 95 5.20 3.56 20.10
CA GLU C 95 3.80 3.38 19.75
C GLU C 95 3.68 2.49 18.53
N ALA C 96 4.53 2.74 17.53
CA ALA C 96 4.52 2.01 16.27
C ALA C 96 5.00 0.58 16.43
N SER C 97 6.06 0.40 17.19
CA SER C 97 6.66 -0.92 17.37
C SER C 97 5.73 -1.86 18.10
N GLU C 98 5.09 -1.35 19.15
CA GLU C 98 4.21 -2.17 19.94
C GLU C 98 2.92 -2.47 19.19
N ALA C 99 2.40 -1.48 18.48
CA ALA C 99 1.22 -1.70 17.65
C ALA C 99 1.53 -2.78 16.61
N TYR C 100 2.73 -2.73 16.05
CA TYR C 100 3.14 -3.69 15.04
C TYR C 100 3.23 -5.09 15.64
N LEU C 101 3.86 -5.19 16.79
CA LEU C 101 4.09 -6.49 17.40
C LEU C 101 2.77 -7.11 17.89
N VAL C 102 1.91 -6.29 18.46
CA VAL C 102 0.60 -6.77 18.91
C VAL C 102 -0.20 -7.36 17.76
N ALA C 103 -0.26 -6.67 16.63
CA ALA C 103 -0.96 -7.20 15.46
C ALA C 103 -0.31 -8.50 14.96
N LEU C 104 1.01 -8.54 14.99
CA LEU C 104 1.74 -9.72 14.53
C LEU C 104 1.42 -10.93 15.41
N PHE C 105 1.30 -10.72 16.71
CA PHE C 105 0.92 -11.81 17.61
C PHE C 105 -0.49 -12.34 17.31
N GLU C 106 -1.39 -11.47 16.86
CA GLU C 106 -2.74 -11.88 16.46
C GLU C 106 -2.70 -12.83 15.28
N ASP C 107 -1.97 -12.44 14.25
CA ASP C 107 -1.83 -13.27 13.07
C ASP C 107 -1.13 -14.55 13.45
N THR C 108 -0.13 -14.41 14.33
CA THR C 108 0.61 -15.55 14.82
C THR C 108 -0.33 -16.52 15.52
N ASN C 109 -1.25 -15.96 16.30
CA ASN C 109 -2.26 -16.74 17.00
C ASN C 109 -3.18 -17.46 16.02
N LEU C 110 -3.57 -16.78 14.95
CA LEU C 110 -4.39 -17.40 13.93
C LEU C 110 -3.68 -18.57 13.25
N CYS C 111 -2.37 -18.45 13.05
CA CYS C 111 -1.58 -19.54 12.47
C CYS C 111 -1.43 -20.72 13.42
N ALA C 112 -1.24 -20.45 14.71
CA ALA C 112 -1.18 -21.53 15.71
C ALA C 112 -2.49 -22.31 15.76
N ILE C 113 -3.61 -21.60 15.90
CA ILE C 113 -4.92 -22.23 15.91
C ILE C 113 -5.20 -22.93 14.57
N HIS C 114 -4.69 -22.41 13.47
CA HIS C 114 -4.94 -23.04 12.17
C HIS C 114 -4.31 -24.41 12.12
N ALA C 115 -3.23 -24.57 12.87
CA ALA C 115 -2.48 -25.82 12.98
C ALA C 115 -2.97 -26.59 14.17
N LYS C 116 -4.14 -26.19 14.67
CA LYS C 116 -4.82 -26.87 15.77
C LYS C 116 -3.98 -26.89 17.04
N ARG C 117 -3.22 -25.84 17.25
CA ARG C 117 -2.50 -25.66 18.51
C ARG C 117 -3.04 -24.45 19.25
N VAL C 118 -2.62 -24.31 20.49
CA VAL C 118 -3.05 -23.20 21.31
C VAL C 118 -1.81 -22.43 21.75
N THR C 119 -0.66 -23.00 21.40
CA THR C 119 0.63 -22.43 21.72
C THR C 119 1.26 -21.78 20.50
N ILE C 120 1.60 -20.50 20.56
CA ILE C 120 2.28 -19.90 19.41
C ILE C 120 3.74 -20.31 19.39
N MET C 121 4.29 -20.49 18.19
CA MET C 121 5.65 -20.98 18.02
C MET C 121 6.35 -20.17 16.95
N PRO C 122 7.69 -20.25 16.87
CA PRO C 122 8.39 -19.49 15.83
C PRO C 122 7.87 -19.70 14.42
N LYS C 123 7.48 -20.92 14.07
CA LYS C 123 7.01 -21.15 12.70
C LYS C 123 5.69 -20.43 12.44
N ASP C 124 5.00 -20.09 13.52
CA ASP C 124 3.76 -19.33 13.43
C ASP C 124 4.06 -17.89 13.07
N ILE C 125 5.04 -17.29 13.73
CA ILE C 125 5.49 -15.95 13.39
C ILE C 125 6.01 -15.91 11.96
N GLN C 126 6.74 -16.96 11.60
CA GLN C 126 7.40 -17.01 10.31
C GLN C 126 6.37 -17.11 9.18
N LEU C 127 5.34 -17.93 9.39
CA LEU C 127 4.26 -18.05 8.39
C LEU C 127 3.53 -16.73 8.22
N ALA C 128 3.16 -16.09 9.33
CA ALA C 128 2.49 -14.80 9.26
C ALA C 128 3.33 -13.76 8.51
N ARG C 129 4.60 -13.63 8.86
CA ARG C 129 5.48 -12.69 8.20
C ARG C 129 5.65 -13.01 6.73
N ARG C 130 5.69 -14.29 6.38
CA ARG C 130 5.79 -14.71 4.99
C ARG C 130 4.56 -14.27 4.17
N ILE C 131 3.36 -14.53 4.70
CA ILE C 131 2.15 -14.22 3.98
C ILE C 131 1.93 -12.71 3.90
N ARG C 132 2.34 -11.97 4.91
CA ARG C 132 2.29 -10.50 4.87
C ARG C 132 3.26 -9.90 3.86
N GLY C 133 4.24 -10.66 3.42
CA GLY C 133 5.22 -10.17 2.47
C GLY C 133 6.41 -9.47 3.08
N GLU C 134 6.69 -9.75 4.35
CA GLU C 134 7.83 -9.16 5.05
C GLU C 134 9.04 -10.05 4.95
N ARG C 135 8.77 -11.35 4.83
CA ARG C 135 9.81 -12.35 4.83
C ARG C 135 10.03 -12.86 3.41
N ALA C 136 9.01 -13.55 2.89
CA ALA C 136 9.10 -14.24 1.60
C ALA C 136 10.24 -15.27 1.60
N ASP D 25 23.60 -6.05 27.23
CA ASP D 25 23.06 -6.34 25.90
C ASP D 25 21.66 -5.78 25.72
N ASN D 26 21.53 -4.77 24.85
CA ASN D 26 20.33 -3.95 24.82
C ASN D 26 19.07 -4.57 24.24
N ILE D 27 19.21 -5.50 23.30
CA ILE D 27 18.05 -6.18 22.76
C ILE D 27 17.40 -7.04 23.83
N GLN D 28 18.20 -7.46 24.81
CA GLN D 28 17.71 -8.29 25.89
C GLN D 28 16.97 -7.44 26.92
N GLY D 29 17.01 -6.13 26.72
CA GLY D 29 16.27 -5.23 27.59
C GLY D 29 14.81 -5.34 27.28
N ILE D 30 14.51 -5.92 26.14
CA ILE D 30 13.15 -6.31 25.77
C ILE D 30 12.91 -7.67 26.42
N THR D 31 12.45 -7.61 27.66
CA THR D 31 12.44 -8.78 28.54
C THR D 31 11.36 -9.77 28.20
N LYS D 32 11.50 -10.98 28.72
CA LYS D 32 10.46 -11.99 28.56
C LYS D 32 9.09 -11.55 29.08
N PRO D 33 9.01 -10.97 30.29
CA PRO D 33 7.68 -10.50 30.69
C PRO D 33 7.07 -9.48 29.75
N ALA D 34 7.88 -8.59 29.20
CA ALA D 34 7.38 -7.55 28.31
C ALA D 34 6.79 -8.15 27.04
N ILE D 35 7.50 -9.09 26.45
CA ILE D 35 7.07 -9.75 25.23
C ILE D 35 5.77 -10.51 25.49
N ARG D 36 5.73 -11.17 26.63
CA ARG D 36 4.54 -11.90 27.06
C ARG D 36 3.31 -10.97 27.14
N ARG D 37 3.48 -9.76 27.66
CA ARG D 37 2.35 -8.82 27.77
C ARG D 37 1.80 -8.39 26.41
N LEU D 38 2.70 -8.08 25.48
CA LEU D 38 2.31 -7.71 24.12
C LEU D 38 1.51 -8.83 23.49
N ALA D 39 1.98 -10.06 23.69
CA ALA D 39 1.26 -11.21 23.18
C ALA D 39 -0.12 -11.33 23.84
N ARG D 40 -0.22 -11.01 25.12
CA ARG D 40 -1.50 -11.05 25.81
C ARG D 40 -2.44 -10.01 25.21
N ARG D 41 -1.94 -8.84 24.87
CA ARG D 41 -2.79 -7.85 24.20
C ARG D 41 -3.20 -8.35 22.81
N GLY D 42 -2.35 -9.17 22.21
CA GLY D 42 -2.67 -9.79 20.93
C GLY D 42 -3.58 -11.00 21.05
N GLY D 43 -4.01 -11.31 22.26
CA GLY D 43 -4.93 -12.40 22.50
C GLY D 43 -4.29 -13.77 22.62
N VAL D 44 -3.00 -13.82 22.91
CA VAL D 44 -2.26 -15.08 22.96
C VAL D 44 -2.29 -15.74 24.34
N LYS D 45 -2.57 -17.03 24.39
CA LYS D 45 -2.78 -17.69 25.68
C LYS D 45 -1.59 -18.51 26.15
N ARG D 46 -0.96 -19.25 25.24
CA ARG D 46 0.17 -20.10 25.61
C ARG D 46 1.35 -19.77 24.70
N ILE D 47 2.54 -19.64 25.29
CA ILE D 47 3.70 -19.14 24.55
C ILE D 47 4.94 -20.02 24.63
N SER D 48 5.37 -20.58 23.51
CA SER D 48 6.59 -21.36 23.45
C SER D 48 7.81 -20.56 23.87
N GLY D 49 8.72 -21.18 24.61
CA GLY D 49 9.90 -20.50 25.12
C GLY D 49 10.80 -19.92 24.04
N LEU D 50 10.76 -20.51 22.86
CA LEU D 50 11.56 -20.03 21.74
C LEU D 50 11.01 -18.75 21.10
N ILE D 51 9.84 -18.31 21.55
CA ILE D 51 9.18 -17.15 20.95
C ILE D 51 9.93 -15.87 21.23
N TYR D 52 10.41 -15.72 22.46
CA TYR D 52 10.99 -14.45 22.89
C TYR D 52 12.21 -14.05 22.06
N GLU D 53 13.07 -15.01 21.76
CA GLU D 53 14.25 -14.73 20.96
C GLU D 53 13.83 -14.41 19.53
N GLU D 54 12.80 -15.11 19.04
CA GLU D 54 12.32 -14.87 17.68
C GLU D 54 11.71 -13.48 17.56
N THR D 55 11.00 -13.09 18.62
CA THR D 55 10.39 -11.78 18.72
C THR D 55 11.38 -10.63 18.67
N ARG D 56 12.46 -10.73 19.46
CA ARG D 56 13.49 -9.71 19.51
C ARG D 56 14.13 -9.49 18.15
N GLY D 57 14.30 -10.58 17.40
CA GLY D 57 14.87 -10.48 16.08
C GLY D 57 13.95 -9.68 15.20
N VAL D 58 12.67 -9.97 15.33
CA VAL D 58 11.64 -9.34 14.52
C VAL D 58 11.52 -7.86 14.88
N LEU D 59 11.59 -7.56 16.17
CA LEU D 59 11.58 -6.17 16.59
C LEU D 59 12.80 -5.41 16.09
N LYS D 60 13.97 -6.05 16.14
CA LYS D 60 15.20 -5.42 15.67
C LYS D 60 15.13 -5.10 14.18
N VAL D 61 14.57 -6.01 13.38
CA VAL D 61 14.39 -5.75 11.95
C VAL D 61 13.44 -4.58 11.74
N PHE D 62 12.35 -4.57 12.49
CA PHE D 62 11.37 -3.50 12.41
C PHE D 62 12.00 -2.16 12.70
N LEU D 63 12.74 -2.06 13.78
CA LEU D 63 13.36 -0.80 14.17
C LEU D 63 14.46 -0.38 13.18
N GLU D 64 15.26 -1.32 12.72
CA GLU D 64 16.28 -1.03 11.71
C GLU D 64 15.71 -0.38 10.47
N ASN D 65 14.63 -0.96 9.96
CA ASN D 65 14.01 -0.46 8.74
C ASN D 65 13.41 0.92 8.93
N VAL D 66 12.74 1.12 10.06
CA VAL D 66 12.08 2.40 10.29
C VAL D 66 13.09 3.48 10.59
N ILE D 67 14.02 3.17 11.50
CA ILE D 67 15.03 4.12 11.92
C ILE D 67 15.98 4.52 10.79
N ARG D 68 16.40 3.58 9.97
CA ARG D 68 17.29 3.91 8.85
C ARG D 68 16.66 5.01 8.00
N ASP D 69 15.38 4.86 7.72
CA ASP D 69 14.66 5.84 6.92
C ASP D 69 14.51 7.16 7.64
N ALA D 70 14.22 7.10 8.93
CA ALA D 70 14.02 8.30 9.72
C ALA D 70 15.28 9.13 9.77
N VAL D 71 16.40 8.46 10.02
CA VAL D 71 17.70 9.10 10.08
C VAL D 71 18.09 9.65 8.71
N THR D 72 17.71 8.95 7.64
CA THR D 72 17.89 9.45 6.28
C THR D 72 17.18 10.78 6.10
N TYR D 73 15.98 10.91 6.68
CA TYR D 73 15.25 12.18 6.68
C TYR D 73 16.00 13.21 7.51
N THR D 74 16.53 12.76 8.64
CA THR D 74 17.33 13.62 9.52
C THR D 74 18.53 14.21 8.78
N GLU D 75 19.35 13.36 8.16
CA GLU D 75 20.51 13.81 7.44
C GLU D 75 20.14 14.79 6.34
N HIS D 76 19.07 14.50 5.61
CA HIS D 76 18.70 15.36 4.50
C HIS D 76 18.42 16.78 4.97
N ALA D 77 17.92 16.91 6.19
CA ALA D 77 17.54 18.20 6.74
C ALA D 77 18.73 18.86 7.42
N LYS D 78 19.88 18.18 7.34
CA LYS D 78 21.13 18.68 7.91
C LYS D 78 21.03 18.85 9.42
N ARG D 79 20.27 17.99 10.07
CA ARG D 79 20.11 18.03 11.52
C ARG D 79 20.89 16.91 12.18
N LYS D 80 21.10 17.02 13.49
CA LYS D 80 21.75 15.98 14.26
C LYS D 80 20.76 15.39 15.25
N THR D 81 19.53 15.89 15.17
CA THR D 81 18.44 15.46 16.05
C THR D 81 17.32 14.78 15.28
N VAL D 82 17.03 13.54 15.65
CA VAL D 82 15.92 12.82 15.04
C VAL D 82 14.61 13.33 15.60
N THR D 83 13.77 13.91 14.75
CA THR D 83 12.49 14.44 15.20
C THR D 83 11.37 13.41 15.09
N ALA D 84 10.27 13.66 15.78
CA ALA D 84 9.09 12.82 15.66
C ALA D 84 8.57 12.81 14.23
N MET D 85 8.62 13.94 13.55
CA MET D 85 8.20 14.01 12.16
C MET D 85 9.06 13.11 11.29
N ASP D 86 10.36 13.03 11.57
CA ASP D 86 11.22 12.13 10.81
C ASP D 86 10.71 10.72 10.95
N VAL D 87 10.36 10.33 12.17
CA VAL D 87 9.80 9.01 12.40
C VAL D 87 8.44 8.83 11.72
N VAL D 88 7.61 9.86 11.74
CA VAL D 88 6.28 9.74 11.16
C VAL D 88 6.37 9.57 9.65
N TYR D 89 7.21 10.36 9.00
CA TYR D 89 7.42 10.22 7.56
C TYR D 89 7.99 8.85 7.19
N ALA D 90 8.86 8.33 8.04
CA ALA D 90 9.48 7.04 7.80
C ALA D 90 8.44 5.95 7.88
N LEU D 91 7.60 6.02 8.91
CA LEU D 91 6.51 5.08 9.06
C LEU D 91 5.52 5.14 7.88
N LYS D 92 5.19 6.34 7.42
CA LYS D 92 4.26 6.46 6.32
C LYS D 92 4.76 5.76 5.05
N ARG D 93 5.99 6.02 4.65
CA ARG D 93 6.51 5.37 3.47
C ARG D 93 6.64 3.86 3.65
N GLN D 94 6.86 3.38 4.88
CA GLN D 94 6.85 1.93 5.16
C GLN D 94 5.43 1.37 5.19
N GLY D 95 4.44 2.24 4.99
CA GLY D 95 3.04 1.84 4.98
C GLY D 95 2.49 1.55 6.36
N ARG D 96 3.06 2.19 7.37
CA ARG D 96 2.56 2.03 8.73
C ARG D 96 2.33 3.38 9.36
N THR D 97 1.44 4.16 8.74
CA THR D 97 1.07 5.49 9.18
C THR D 97 0.69 5.56 10.66
N LEU D 98 1.22 6.56 11.35
CA LEU D 98 0.91 6.74 12.75
C LEU D 98 0.17 8.06 12.99
N TYR D 99 -0.89 8.02 13.78
CA TYR D 99 -1.58 9.24 14.19
C TYR D 99 -1.17 9.63 15.61
N GLY D 100 -0.99 10.93 15.83
CA GLY D 100 -0.78 11.46 17.16
C GLY D 100 0.55 12.14 17.46
N PHE D 101 1.46 12.20 16.48
CA PHE D 101 2.77 12.79 16.72
C PHE D 101 3.13 13.80 15.66
N GLY D 102 2.14 14.23 14.90
CA GLY D 102 2.33 15.13 13.78
C GLY D 102 1.70 14.44 12.59
N GLY D 103 1.26 15.23 11.61
CA GLY D 103 0.62 14.66 10.44
C GLY D 103 0.77 15.58 9.25
N ALA E 15 26.02 22.94 -30.91
CA ALA E 15 24.91 22.13 -30.42
C ALA E 15 25.43 20.83 -29.78
N LYS E 16 25.02 20.59 -28.55
CA LYS E 16 25.50 19.44 -27.81
C LYS E 16 24.45 19.04 -26.77
N THR E 17 23.94 17.81 -26.85
CA THR E 17 22.84 17.42 -25.97
C THR E 17 23.31 17.26 -24.54
N ARG E 18 22.39 17.49 -23.61
CA ARG E 18 22.69 17.41 -22.20
C ARG E 18 23.06 16.00 -21.76
N SER E 19 22.52 14.99 -22.43
CA SER E 19 22.91 13.62 -22.13
C SER E 19 24.39 13.38 -22.40
N SER E 20 24.89 13.86 -23.54
CA SER E 20 26.29 13.67 -23.88
C SER E 20 27.20 14.43 -22.92
N ARG E 21 26.76 15.61 -22.49
CA ARG E 21 27.53 16.37 -21.51
C ARG E 21 27.63 15.60 -20.21
N ALA E 22 26.64 14.77 -19.93
CA ALA E 22 26.58 14.03 -18.68
C ALA E 22 27.08 12.60 -18.87
N GLY E 23 27.24 12.20 -20.12
CA GLY E 23 27.77 10.90 -20.45
C GLY E 23 26.71 9.83 -20.42
N LEU E 24 25.47 10.20 -20.71
CA LEU E 24 24.35 9.32 -20.52
C LEU E 24 23.66 8.93 -21.82
N GLN E 25 23.12 7.71 -21.84
CA GLN E 25 22.35 7.25 -22.98
C GLN E 25 20.93 7.74 -22.84
N PHE E 26 20.46 7.85 -21.61
CA PHE E 26 19.10 8.25 -21.31
C PHE E 26 18.98 9.76 -21.47
N PRO E 27 17.80 10.21 -21.95
CA PRO E 27 17.52 11.60 -22.32
C PRO E 27 17.37 12.53 -21.14
N VAL E 28 18.34 13.38 -20.89
CA VAL E 28 18.25 14.30 -19.77
C VAL E 28 17.13 15.33 -20.00
N GLY E 29 17.10 15.91 -21.19
CA GLY E 29 16.12 16.92 -21.52
C GLY E 29 14.68 16.46 -21.38
N ARG E 30 14.39 15.23 -21.79
CA ARG E 30 13.05 14.67 -21.66
C ARG E 30 12.73 14.44 -20.19
N VAL E 31 13.68 13.88 -19.46
CA VAL E 31 13.49 13.64 -18.04
C VAL E 31 13.26 14.97 -17.33
N HIS E 32 13.96 16.00 -17.76
CA HIS E 32 13.74 17.33 -17.19
C HIS E 32 12.29 17.78 -17.41
N ARG E 33 11.82 17.62 -18.62
CA ARG E 33 10.49 18.07 -19.02
C ARG E 33 9.42 17.29 -18.27
N LEU E 34 9.66 16.00 -18.06
CA LEU E 34 8.71 15.16 -17.38
C LEU E 34 8.66 15.53 -15.91
N LEU E 35 9.77 15.98 -15.34
CA LEU E 35 9.73 16.43 -13.96
C LEU E 35 8.88 17.71 -13.80
N ARG E 36 8.84 18.54 -14.83
CA ARG E 36 8.05 19.78 -14.80
C ARG E 36 6.56 19.52 -14.90
N LYS E 37 6.19 18.63 -15.81
CA LYS E 37 4.79 18.37 -16.08
C LYS E 37 4.14 17.62 -14.93
N GLY E 38 4.94 16.92 -14.16
CA GLY E 38 4.44 16.08 -13.10
C GLY E 38 4.12 16.80 -11.80
N ASN E 39 4.36 18.10 -11.76
CA ASN E 39 4.09 18.90 -10.56
C ASN E 39 4.71 18.31 -9.31
N TYR E 40 6.02 18.21 -9.29
CA TYR E 40 6.67 17.66 -8.12
C TYR E 40 7.15 18.80 -7.24
N ALA E 41 7.41 19.95 -7.86
CA ALA E 41 7.77 21.17 -7.14
C ALA E 41 7.69 22.36 -8.07
N GLU E 42 7.74 23.55 -7.48
CA GLU E 42 7.67 24.77 -8.26
C GLU E 42 8.79 24.80 -9.28
N ARG E 43 10.01 24.53 -8.77
CA ARG E 43 11.21 24.65 -9.56
C ARG E 43 11.91 23.32 -9.63
N VAL E 44 12.69 23.10 -10.69
CA VAL E 44 13.49 21.89 -10.80
C VAL E 44 14.95 22.20 -11.12
N GLY E 45 15.86 21.79 -10.26
CA GLY E 45 17.27 22.02 -10.45
C GLY E 45 17.89 21.35 -11.67
N ALA E 46 18.92 21.97 -12.22
CA ALA E 46 19.55 21.52 -13.46
C ALA E 46 20.21 20.16 -13.35
N GLY E 47 20.55 19.76 -12.12
CA GLY E 47 21.23 18.51 -11.87
C GLY E 47 20.28 17.35 -11.63
N ALA E 48 19.07 17.65 -11.19
CA ALA E 48 18.08 16.62 -10.89
C ALA E 48 17.77 15.74 -12.10
N PRO E 49 17.49 16.33 -13.27
CA PRO E 49 17.22 15.40 -14.38
C PRO E 49 18.46 14.62 -14.79
N VAL E 50 19.64 15.21 -14.63
CA VAL E 50 20.88 14.50 -14.91
C VAL E 50 21.02 13.30 -14.00
N TYR E 51 20.83 13.54 -12.71
CA TYR E 51 20.95 12.49 -11.71
C TYR E 51 19.89 11.39 -11.90
N LEU E 52 18.64 11.79 -12.10
CA LEU E 52 17.56 10.82 -12.24
C LEU E 52 17.68 10.03 -13.52
N ALA E 53 18.09 10.68 -14.60
CA ALA E 53 18.30 9.97 -15.84
C ALA E 53 19.42 8.92 -15.69
N ALA E 54 20.47 9.26 -14.93
CA ALA E 54 21.52 8.30 -14.66
C ALA E 54 21.03 7.10 -13.87
N VAL E 55 20.21 7.32 -12.85
CA VAL E 55 19.69 6.23 -12.04
C VAL E 55 18.77 5.32 -12.85
N LEU E 56 17.93 5.92 -13.69
CA LEU E 56 17.03 5.15 -14.53
C LEU E 56 17.81 4.28 -15.52
N GLU E 57 18.89 4.83 -16.04
CA GLU E 57 19.76 4.10 -16.95
C GLU E 57 20.51 2.96 -16.23
N TYR E 58 20.99 3.24 -15.02
CA TYR E 58 21.69 2.22 -14.24
C TYR E 58 20.81 1.01 -13.98
N LEU E 59 19.60 1.26 -13.50
CA LEU E 59 18.64 0.21 -13.19
C LEU E 59 18.21 -0.57 -14.42
N THR E 60 18.12 0.14 -15.54
CA THR E 60 17.86 -0.49 -16.83
C THR E 60 19.00 -1.43 -17.26
N ALA E 61 20.24 -1.00 -17.07
CA ALA E 61 21.38 -1.83 -17.44
C ALA E 61 21.44 -3.07 -16.56
N GLU E 62 21.12 -2.85 -15.29
CA GLU E 62 21.10 -3.89 -14.28
C GLU E 62 20.10 -5.01 -14.62
N ILE E 63 18.87 -4.64 -14.98
CA ILE E 63 17.87 -5.65 -15.35
C ILE E 63 18.17 -6.33 -16.67
N LEU E 64 18.55 -5.54 -17.67
CA LEU E 64 18.88 -6.08 -18.98
C LEU E 64 20.09 -7.02 -18.93
N GLU E 65 21.07 -6.74 -18.08
CA GLU E 65 22.21 -7.65 -17.91
C GLU E 65 21.69 -9.01 -17.49
N LEU E 66 20.93 -9.03 -16.42
CA LEU E 66 20.40 -10.27 -15.87
C LEU E 66 19.35 -10.93 -16.76
N ALA E 67 18.60 -10.13 -17.51
CA ALA E 67 17.59 -10.72 -18.38
C ALA E 67 18.28 -11.38 -19.56
N GLY E 68 19.26 -10.70 -20.13
CA GLY E 68 20.10 -11.24 -21.18
C GLY E 68 20.68 -12.60 -20.86
N ASN E 69 21.09 -12.78 -19.61
CA ASN E 69 21.61 -14.07 -19.14
C ASN E 69 20.57 -15.14 -19.13
N ALA E 70 19.36 -14.77 -18.71
CA ALA E 70 18.25 -15.68 -18.64
C ALA E 70 17.93 -16.16 -20.01
N ALA E 71 17.98 -15.24 -20.96
CA ALA E 71 17.77 -15.55 -22.38
C ALA E 71 18.84 -16.50 -22.87
N ARG E 72 20.09 -16.22 -22.52
CA ARG E 72 21.22 -17.04 -22.92
C ARG E 72 21.11 -18.44 -22.36
N ASP E 73 20.61 -18.55 -21.13
CA ASP E 73 20.44 -19.87 -20.51
C ASP E 73 19.39 -20.71 -21.25
N ASN E 74 18.46 -20.06 -21.94
CA ASN E 74 17.42 -20.78 -22.69
C ASN E 74 17.67 -20.81 -24.19
N LYS E 75 18.91 -20.55 -24.58
CA LYS E 75 19.31 -20.54 -25.99
C LYS E 75 18.40 -19.67 -26.85
N LYS E 76 18.05 -18.50 -26.33
CA LYS E 76 17.27 -17.51 -27.08
C LYS E 76 18.12 -16.26 -27.21
N THR E 77 17.96 -15.50 -28.28
CA THR E 77 18.72 -14.27 -28.39
C THR E 77 17.83 -13.07 -28.24
N ARG E 78 16.53 -13.32 -28.13
CA ARG E 78 15.58 -12.23 -27.97
C ARG E 78 14.97 -12.32 -26.59
N ILE E 79 15.20 -11.32 -25.76
CA ILE E 79 14.60 -11.24 -24.44
C ILE E 79 13.08 -11.10 -24.50
N ILE E 80 12.39 -12.02 -23.84
CA ILE E 80 10.94 -11.96 -23.71
C ILE E 80 10.57 -11.67 -22.24
N PRO E 81 9.30 -11.36 -21.94
CA PRO E 81 8.91 -11.07 -20.56
C PRO E 81 9.24 -12.17 -19.54
N ARG E 82 9.27 -13.43 -19.96
CA ARG E 82 9.68 -14.51 -19.06
C ARG E 82 11.11 -14.28 -18.56
N HIS E 83 11.95 -13.73 -19.43
CA HIS E 83 13.34 -13.51 -19.11
C HIS E 83 13.48 -12.35 -18.13
N LEU E 84 12.63 -11.35 -18.27
CA LEU E 84 12.62 -10.24 -17.32
C LEU E 84 12.16 -10.72 -15.94
N GLN E 85 11.17 -11.59 -15.92
CA GLN E 85 10.69 -12.12 -14.67
C GLN E 85 11.78 -12.90 -13.97
N LEU E 86 12.40 -13.85 -14.69
CA LEU E 86 13.48 -14.64 -14.11
C LEU E 86 14.63 -13.78 -13.57
N ALA E 87 14.98 -12.74 -14.31
CA ALA E 87 16.04 -11.83 -13.89
C ALA E 87 15.70 -11.18 -12.57
N VAL E 88 14.47 -10.69 -12.46
CA VAL E 88 14.01 -9.93 -11.29
C VAL E 88 13.72 -10.79 -10.06
N ARG E 89 13.04 -11.90 -10.23
CA ARG E 89 12.68 -12.70 -9.08
C ARG E 89 13.88 -13.46 -8.53
N ASN E 90 14.94 -13.60 -9.32
CA ASN E 90 16.13 -14.30 -8.82
C ASN E 90 17.17 -13.38 -8.20
N ASP E 91 16.95 -12.07 -8.29
CA ASP E 91 17.80 -11.10 -7.65
C ASP E 91 17.08 -10.50 -6.44
N GLU E 92 17.64 -10.74 -5.27
CA GLU E 92 17.02 -10.39 -4.00
C GLU E 92 16.63 -8.90 -3.94
N GLU E 93 17.40 -8.04 -4.59
CA GLU E 93 17.17 -6.61 -4.47
C GLU E 93 16.20 -6.05 -5.49
N LEU E 94 16.22 -6.58 -6.70
CA LEU E 94 15.23 -6.16 -7.68
C LEU E 94 13.91 -6.77 -7.28
N ASN E 95 13.97 -7.98 -6.73
CA ASN E 95 12.78 -8.62 -6.23
C ASN E 95 12.06 -7.71 -5.25
N LYS E 96 12.81 -7.17 -4.30
CA LYS E 96 12.22 -6.28 -3.31
C LYS E 96 11.72 -5.01 -3.97
N LEU E 97 12.57 -4.39 -4.78
CA LEU E 97 12.21 -3.18 -5.52
C LEU E 97 10.91 -3.35 -6.29
N LEU E 98 10.69 -4.55 -6.82
CA LEU E 98 9.49 -4.84 -7.59
C LEU E 98 8.61 -5.85 -6.86
N GLY E 99 8.55 -5.73 -5.55
CA GLY E 99 7.84 -6.68 -4.72
C GLY E 99 6.33 -6.62 -4.90
N ARG E 100 5.87 -5.51 -5.42
CA ARG E 100 4.45 -5.28 -5.65
C ARG E 100 4.14 -5.07 -7.11
N VAL E 101 4.97 -5.60 -7.97
CA VAL E 101 4.81 -5.39 -9.41
C VAL E 101 4.49 -6.71 -10.09
N THR E 102 3.61 -6.67 -11.07
CA THR E 102 3.33 -7.85 -11.84
C THR E 102 3.78 -7.66 -13.27
N ILE E 103 4.70 -8.51 -13.69
CA ILE E 103 5.21 -8.53 -15.05
C ILE E 103 4.31 -9.44 -15.87
N ALA E 104 3.60 -8.87 -16.83
CA ALA E 104 2.70 -9.64 -17.66
C ALA E 104 3.50 -10.68 -18.44
N GLN E 105 2.89 -11.85 -18.62
CA GLN E 105 3.52 -12.95 -19.34
C GLN E 105 4.84 -13.38 -18.70
N GLY E 106 4.97 -13.18 -17.40
CA GLY E 106 6.19 -13.51 -16.72
C GLY E 106 6.21 -14.88 -16.07
N GLY E 107 5.02 -15.38 -15.73
CA GLY E 107 4.92 -16.64 -15.03
C GLY E 107 5.59 -16.55 -13.68
N VAL E 108 5.91 -17.69 -13.11
CA VAL E 108 6.55 -17.76 -11.80
C VAL E 108 7.85 -18.56 -11.84
N LEU E 109 8.61 -18.52 -10.75
CA LEU E 109 9.82 -19.35 -10.61
C LEU E 109 9.48 -20.79 -10.26
N PRO E 110 10.18 -21.75 -10.88
CA PRO E 110 9.98 -23.13 -10.42
C PRO E 110 10.28 -23.26 -8.95
N ASN E 111 9.32 -23.78 -8.20
CA ASN E 111 9.42 -23.94 -6.75
C ASN E 111 8.38 -24.89 -6.22
N ILE E 112 8.82 -26.06 -5.79
CA ILE E 112 7.94 -27.03 -5.19
C ILE E 112 8.35 -27.20 -3.74
N GLN E 113 7.39 -27.02 -2.83
CA GLN E 113 7.66 -27.24 -1.42
C GLN E 113 8.14 -28.66 -1.24
N SER E 114 9.22 -28.84 -0.48
CA SER E 114 9.88 -30.14 -0.40
C SER E 114 8.98 -31.25 0.16
N VAL E 115 8.08 -30.93 1.07
CA VAL E 115 7.19 -31.95 1.64
C VAL E 115 6.25 -32.57 0.60
N LEU E 116 6.09 -31.91 -0.54
CA LEU E 116 5.19 -32.39 -1.57
C LEU E 116 5.87 -33.38 -2.50
N LEU E 117 7.19 -33.47 -2.39
CA LEU E 117 7.96 -34.40 -3.21
C LEU E 117 7.81 -35.83 -2.74
N PRO E 118 7.99 -36.80 -3.64
CA PRO E 118 7.90 -38.21 -3.23
C PRO E 118 9.03 -38.59 -2.28
N LYS E 119 8.90 -39.73 -1.62
CA LYS E 119 9.85 -40.17 -0.60
C LYS E 119 10.98 -41.03 -1.16
N LYS F 25 -9.31 15.68 -45.50
CA LYS F 25 -8.46 16.45 -44.60
C LYS F 25 -7.85 15.55 -43.54
N LYS F 26 -6.55 15.25 -43.70
CA LYS F 26 -5.85 14.36 -42.79
C LYS F 26 -5.62 14.98 -41.42
N ARG F 27 -5.27 14.14 -40.46
CA ARG F 27 -4.91 14.59 -39.11
C ARG F 27 -3.66 13.87 -38.65
N ARG F 28 -2.88 14.51 -37.78
CA ARG F 28 -1.68 13.86 -37.24
C ARG F 28 -2.02 13.07 -35.98
N LYS F 29 -1.62 11.80 -35.95
CA LYS F 29 -1.81 10.99 -34.76
C LYS F 29 -0.79 11.44 -33.71
N THR F 30 -1.25 11.63 -32.48
CA THR F 30 -0.36 12.14 -31.45
C THR F 30 0.65 11.08 -31.09
N ARG F 31 1.92 11.49 -31.13
CA ARG F 31 3.05 10.63 -30.81
C ARG F 31 3.00 10.12 -29.38
N LYS F 32 3.07 8.80 -29.21
CA LYS F 32 3.27 8.24 -27.90
C LYS F 32 4.75 8.02 -27.71
N GLU F 33 5.38 8.90 -26.95
CA GLU F 33 6.81 8.77 -26.73
C GLU F 33 7.08 7.64 -25.78
N SER F 34 8.31 7.17 -25.79
CA SER F 34 8.67 5.92 -25.16
C SER F 34 10.15 5.98 -24.77
N TYR F 35 10.58 5.12 -23.86
CA TYR F 35 11.99 5.04 -23.52
C TYR F 35 12.66 3.99 -24.38
N ALA F 36 11.92 3.47 -25.36
CA ALA F 36 12.36 2.28 -26.08
C ALA F 36 13.74 2.38 -26.77
N ILE F 37 14.02 3.48 -27.47
CA ILE F 37 15.31 3.57 -28.15
C ILE F 37 16.47 3.67 -27.15
N TYR F 38 16.20 4.21 -25.96
CA TYR F 38 17.24 4.35 -24.96
C TYR F 38 17.56 3.03 -24.29
N VAL F 39 16.54 2.24 -24.02
CA VAL F 39 16.69 0.90 -23.49
C VAL F 39 17.48 0.05 -24.46
N TYR F 40 17.20 0.22 -25.74
CA TYR F 40 17.87 -0.57 -26.76
C TYR F 40 19.37 -0.23 -26.83
N LYS F 41 19.70 1.06 -26.74
CA LYS F 41 21.08 1.48 -26.67
C LYS F 41 21.76 0.78 -25.51
N VAL F 42 21.14 0.83 -24.34
CA VAL F 42 21.70 0.20 -23.15
C VAL F 42 21.74 -1.32 -23.31
N LEU F 43 20.74 -1.89 -23.98
CA LEU F 43 20.74 -3.33 -24.18
C LEU F 43 21.97 -3.72 -25.00
N LYS F 44 22.29 -2.90 -25.99
CA LYS F 44 23.41 -3.19 -26.88
C LYS F 44 24.75 -3.05 -26.21
N GLN F 45 24.80 -2.30 -25.12
CA GLN F 45 26.04 -2.13 -24.39
C GLN F 45 26.32 -3.35 -23.52
N VAL F 46 25.29 -3.99 -23.02
CA VAL F 46 25.52 -5.07 -22.09
C VAL F 46 25.49 -6.42 -22.77
N HIS F 47 24.67 -6.56 -23.81
CA HIS F 47 24.55 -7.79 -24.56
C HIS F 47 24.44 -7.51 -26.04
N PRO F 48 25.57 -7.21 -26.69
CA PRO F 48 25.54 -6.66 -28.04
C PRO F 48 24.92 -7.57 -29.09
N ASP F 49 24.73 -8.85 -28.80
CA ASP F 49 24.10 -9.74 -29.75
C ASP F 49 22.70 -10.17 -29.34
N THR F 50 22.14 -9.50 -28.34
CA THR F 50 20.83 -9.85 -27.83
C THR F 50 19.78 -8.82 -28.23
N GLY F 51 18.59 -9.29 -28.58
CA GLY F 51 17.49 -8.41 -28.93
C GLY F 51 16.37 -8.49 -27.89
N ILE F 52 15.26 -7.82 -28.18
CA ILE F 52 14.18 -7.77 -27.21
C ILE F 52 12.82 -7.68 -27.89
N SER F 53 11.92 -8.56 -27.48
CA SER F 53 10.55 -8.57 -28.04
C SER F 53 9.81 -7.32 -27.63
N SER F 54 8.73 -7.00 -28.33
CA SER F 54 8.02 -5.75 -28.09
C SER F 54 7.24 -5.79 -26.78
N LYS F 55 6.79 -6.96 -26.39
CA LYS F 55 6.18 -7.15 -25.09
C LYS F 55 7.20 -6.93 -23.97
N ALA F 56 8.40 -7.44 -24.15
CA ALA F 56 9.47 -7.22 -23.18
C ALA F 56 9.85 -5.77 -23.16
N MET F 57 9.75 -5.09 -24.29
CA MET F 57 10.11 -3.69 -24.33
C MET F 57 9.06 -2.84 -23.64
N SER F 58 7.82 -3.29 -23.72
CA SER F 58 6.73 -2.55 -23.11
C SER F 58 6.88 -2.62 -21.60
N ILE F 59 7.21 -3.80 -21.11
CA ILE F 59 7.49 -4.00 -19.69
C ILE F 59 8.67 -3.16 -19.21
N MET F 60 9.72 -3.08 -20.00
CA MET F 60 10.82 -2.21 -19.65
C MET F 60 10.33 -0.76 -19.61
N ASN F 61 9.41 -0.43 -20.50
CA ASN F 61 8.92 0.94 -20.56
C ASN F 61 8.09 1.23 -19.33
N SER F 62 7.30 0.26 -18.91
CA SER F 62 6.55 0.37 -17.68
C SER F 62 7.49 0.53 -16.51
N PHE F 63 8.57 -0.24 -16.52
CA PHE F 63 9.56 -0.21 -15.44
C PHE F 63 10.17 1.17 -15.28
N VAL F 64 10.58 1.77 -16.39
CA VAL F 64 11.26 3.05 -16.30
C VAL F 64 10.31 4.13 -15.83
N ASN F 65 9.06 4.12 -16.30
CA ASN F 65 8.07 5.08 -15.85
C ASN F 65 7.75 4.94 -14.36
N ASP F 66 7.66 3.70 -13.92
CA ASP F 66 7.34 3.40 -12.53
C ASP F 66 8.41 3.96 -11.61
N VAL F 67 9.66 3.60 -11.84
CA VAL F 67 10.75 4.06 -11.00
C VAL F 67 10.89 5.57 -11.08
N PHE F 68 10.63 6.14 -12.25
CA PHE F 68 10.58 7.59 -12.39
C PHE F 68 9.58 8.19 -11.38
N GLU F 69 8.34 7.72 -11.40
CA GLU F 69 7.32 8.28 -10.51
C GLU F 69 7.71 8.10 -9.07
N ARG F 70 8.10 6.89 -8.73
CA ARG F 70 8.44 6.55 -7.37
C ARG F 70 9.53 7.47 -6.83
N ILE F 71 10.58 7.70 -7.61
CA ILE F 71 11.67 8.54 -7.15
C ILE F 71 11.25 9.99 -7.07
N ALA F 72 10.66 10.51 -8.14
CA ALA F 72 10.23 11.90 -8.17
C ALA F 72 9.22 12.20 -7.08
N GLY F 73 8.31 11.26 -6.84
CA GLY F 73 7.30 11.46 -5.82
C GLY F 73 7.90 11.54 -4.44
N GLU F 74 8.86 10.67 -4.19
CA GLU F 74 9.55 10.62 -2.92
C GLU F 74 10.37 11.90 -2.74
N ALA F 75 10.93 12.40 -3.84
CA ALA F 75 11.67 13.64 -3.81
C ALA F 75 10.73 14.83 -3.61
N SER F 76 9.55 14.77 -4.21
CA SER F 76 8.55 15.81 -4.03
C SER F 76 8.19 15.97 -2.57
N ARG F 77 7.85 14.85 -1.94
CA ARG F 77 7.60 14.79 -0.51
C ARG F 77 8.76 15.35 0.30
N LEU F 78 9.98 14.94 -0.05
CA LEU F 78 11.16 15.46 0.62
C LEU F 78 11.23 16.97 0.66
N ALA F 79 11.14 17.60 -0.51
CA ALA F 79 11.22 19.04 -0.59
C ALA F 79 10.12 19.70 0.21
N HIS F 80 8.89 19.20 0.09
CA HIS F 80 7.77 19.77 0.83
C HIS F 80 8.01 19.64 2.33
N TYR F 81 8.43 18.46 2.78
CA TYR F 81 8.72 18.25 4.20
C TYR F 81 9.77 19.23 4.72
N ASN F 82 10.57 19.77 3.83
CA ASN F 82 11.63 20.70 4.20
C ASN F 82 11.39 22.12 3.71
N LYS F 83 10.16 22.40 3.30
CA LYS F 83 9.77 23.75 2.89
C LYS F 83 10.71 24.34 1.84
N ARG F 84 11.15 23.47 0.94
CA ARG F 84 11.97 23.87 -0.20
C ARG F 84 11.05 23.86 -1.40
N SER F 85 11.28 24.74 -2.36
CA SER F 85 10.41 24.82 -3.51
C SER F 85 11.11 24.28 -4.75
N THR F 86 12.31 23.77 -4.55
CA THR F 86 13.13 23.25 -5.64
C THR F 86 13.50 21.78 -5.45
N ILE F 87 13.35 20.98 -6.49
CA ILE F 87 13.89 19.63 -6.44
C ILE F 87 15.26 19.62 -7.09
N THR F 88 16.29 19.45 -6.26
CA THR F 88 17.65 19.43 -6.75
C THR F 88 18.11 17.99 -6.82
N SER F 89 19.31 17.77 -7.33
CA SER F 89 19.87 16.43 -7.43
C SER F 89 20.05 15.81 -6.05
N ARG F 90 20.07 16.66 -5.04
CA ARG F 90 20.17 16.16 -3.69
C ARG F 90 18.89 15.46 -3.23
N GLU F 91 17.73 15.95 -3.67
CA GLU F 91 16.46 15.30 -3.36
C GLU F 91 16.35 13.96 -4.09
N ILE F 92 16.82 13.91 -5.32
CA ILE F 92 16.85 12.65 -6.05
C ILE F 92 17.71 11.64 -5.32
N GLN F 93 18.83 12.08 -4.77
CA GLN F 93 19.76 11.18 -4.13
C GLN F 93 19.18 10.59 -2.86
N THR F 94 18.62 11.44 -2.01
CA THR F 94 18.00 10.96 -0.80
C THR F 94 16.85 10.02 -1.13
N ALA F 95 16.11 10.38 -2.17
CA ALA F 95 14.99 9.57 -2.63
C ALA F 95 15.45 8.19 -3.03
N VAL F 96 16.54 8.15 -3.77
CA VAL F 96 17.12 6.88 -4.19
C VAL F 96 17.54 6.06 -2.96
N ARG F 97 18.15 6.71 -1.99
CA ARG F 97 18.57 6.04 -0.76
C ARG F 97 17.37 5.46 -0.01
N LEU F 98 16.23 6.14 -0.09
CA LEU F 98 15.00 5.68 0.53
C LEU F 98 14.33 4.54 -0.23
N LEU F 99 14.31 4.61 -1.56
CA LEU F 99 13.61 3.61 -2.37
C LEU F 99 14.35 2.34 -2.71
N LEU F 100 15.61 2.45 -3.09
CA LEU F 100 16.32 1.30 -3.58
C LEU F 100 16.98 0.52 -2.44
N PRO F 101 16.91 -0.80 -2.48
CA PRO F 101 17.52 -1.68 -1.48
C PRO F 101 19.04 -1.59 -1.55
N GLY F 102 19.70 -1.69 -0.39
CA GLY F 102 21.14 -1.74 -0.25
C GLY F 102 22.03 -1.48 -1.43
N GLU F 103 22.45 -2.56 -2.09
CA GLU F 103 23.47 -2.48 -3.12
C GLU F 103 23.05 -1.67 -4.33
N LEU F 104 21.79 -1.81 -4.74
CA LEU F 104 21.27 -1.06 -5.87
C LEU F 104 21.41 0.43 -5.64
N ALA F 105 21.07 0.87 -4.44
CA ALA F 105 21.21 2.27 -4.06
C ALA F 105 22.66 2.73 -4.13
N LYS F 106 23.57 1.90 -3.65
CA LYS F 106 24.98 2.26 -3.60
C LYS F 106 25.49 2.60 -4.98
N HIS F 107 25.22 1.72 -5.94
CA HIS F 107 25.70 1.91 -7.30
C HIS F 107 24.91 3.00 -8.01
N ALA F 108 23.66 3.19 -7.60
CA ALA F 108 22.82 4.22 -8.20
C ALA F 108 23.34 5.61 -7.84
N VAL F 109 23.65 5.79 -6.56
CA VAL F 109 24.21 7.06 -6.09
C VAL F 109 25.53 7.33 -6.80
N SER F 110 26.30 6.27 -7.01
CA SER F 110 27.56 6.37 -7.72
C SER F 110 27.36 6.90 -9.13
N GLU F 111 26.48 6.26 -9.89
CA GLU F 111 26.23 6.65 -11.27
C GLU F 111 25.67 8.06 -11.32
N GLY F 112 24.76 8.34 -10.38
CA GLY F 112 24.14 9.63 -10.30
C GLY F 112 25.12 10.73 -10.05
N THR F 113 25.96 10.56 -9.03
CA THR F 113 26.93 11.59 -8.71
C THR F 113 27.97 11.73 -9.84
N LYS F 114 28.40 10.60 -10.36
CA LYS F 114 29.34 10.56 -11.48
C LYS F 114 28.83 11.44 -12.60
N ALA F 115 27.58 11.22 -12.99
CA ALA F 115 26.96 11.96 -14.07
C ALA F 115 26.81 13.45 -13.80
N VAL F 116 26.40 13.81 -12.59
CA VAL F 116 26.16 15.20 -12.25
C VAL F 116 27.45 15.98 -12.31
N THR F 117 28.47 15.43 -11.66
CA THR F 117 29.81 15.98 -11.76
C THR F 117 30.23 16.14 -13.20
N LYS F 118 30.20 15.07 -13.99
CA LYS F 118 30.58 15.15 -15.38
C LYS F 118 29.87 16.28 -16.12
N TYR F 119 28.57 16.39 -15.90
CA TYR F 119 27.74 17.39 -16.58
C TYR F 119 28.17 18.82 -16.24
N THR F 120 28.57 19.04 -14.99
CA THR F 120 28.99 20.35 -14.51
C THR F 120 30.35 20.78 -15.11
N SER F 121 31.24 19.82 -15.30
CA SER F 121 32.57 20.08 -15.84
C SER F 121 32.53 20.67 -17.25
N ALA F 122 31.48 20.37 -18.00
CA ALA F 122 31.27 20.99 -19.31
C ALA F 122 30.88 22.47 -19.18
N PRO G 39 -3.13 -52.56 -18.19
CA PRO G 39 -3.20 -51.12 -17.91
C PRO G 39 -1.98 -50.63 -17.16
N HIS G 40 -1.71 -49.32 -17.24
CA HIS G 40 -0.58 -48.69 -16.55
C HIS G 40 -1.02 -47.38 -15.95
N ARG G 41 -0.85 -47.25 -14.63
CA ARG G 41 -1.36 -46.09 -13.93
C ARG G 41 -0.35 -45.42 -13.02
N TYR G 42 -0.12 -44.13 -13.24
CA TYR G 42 0.73 -43.37 -12.33
C TYR G 42 0.01 -43.28 -11.01
N ARG G 43 0.78 -43.23 -9.94
CA ARG G 43 0.24 -43.16 -8.60
C ARG G 43 -0.33 -41.78 -8.32
N PRO G 44 -1.29 -41.67 -7.39
CA PRO G 44 -1.82 -40.38 -6.98
C PRO G 44 -0.73 -39.42 -6.51
N GLY G 45 -0.59 -38.29 -7.19
CA GLY G 45 0.39 -37.29 -6.86
C GLY G 45 1.41 -37.12 -7.95
N THR G 46 1.61 -38.16 -8.75
CA THR G 46 2.66 -38.17 -9.74
C THR G 46 2.33 -37.25 -10.88
N VAL G 47 1.11 -37.35 -11.39
CA VAL G 47 0.72 -36.48 -12.50
C VAL G 47 0.55 -35.05 -11.99
N ALA G 48 0.13 -34.91 -10.74
CA ALA G 48 0.01 -33.59 -10.10
C ALA G 48 1.36 -32.86 -10.05
N LEU G 49 2.42 -33.57 -9.67
CA LEU G 49 3.76 -32.98 -9.65
C LEU G 49 4.29 -32.65 -11.05
N ARG G 50 3.94 -33.45 -12.05
CA ARG G 50 4.29 -33.14 -13.43
C ARG G 50 3.62 -31.87 -13.91
N GLU G 51 2.38 -31.68 -13.48
CA GLU G 51 1.61 -30.52 -13.89
C GLU G 51 2.16 -29.26 -13.22
N ILE G 52 2.56 -29.39 -11.97
CA ILE G 52 3.22 -28.29 -11.29
C ILE G 52 4.48 -27.86 -12.04
N ARG G 53 5.35 -28.82 -12.35
CA ARG G 53 6.59 -28.51 -13.06
C ARG G 53 6.25 -27.86 -14.41
N ARG G 54 5.17 -28.31 -15.02
CA ARG G 54 4.79 -27.86 -16.35
C ARG G 54 4.32 -26.43 -16.37
N TYR G 55 3.39 -26.10 -15.49
CA TYR G 55 2.79 -24.78 -15.53
C TYR G 55 3.69 -23.78 -14.84
N GLN G 56 4.63 -24.26 -14.02
CA GLN G 56 5.61 -23.36 -13.45
C GLN G 56 6.69 -22.99 -14.48
N LYS G 57 6.76 -23.77 -15.55
CA LYS G 57 7.77 -23.60 -16.58
C LYS G 57 7.29 -22.61 -17.64
N SER G 58 5.97 -22.51 -17.82
CA SER G 58 5.38 -21.66 -18.86
C SER G 58 4.71 -20.42 -18.31
N THR G 59 4.27 -19.54 -19.21
CA THR G 59 3.73 -18.27 -18.81
C THR G 59 2.37 -17.94 -19.41
N GLU G 60 1.79 -18.87 -20.18
CA GLU G 60 0.53 -18.57 -20.84
C GLU G 60 -0.62 -18.51 -19.83
N LEU G 61 -1.63 -17.71 -20.14
CA LEU G 61 -2.81 -17.62 -19.29
C LEU G 61 -3.53 -18.97 -19.21
N LEU G 62 -4.15 -19.25 -18.08
CA LEU G 62 -4.69 -20.58 -17.82
C LEU G 62 -6.22 -20.63 -17.76
N ILE G 63 -6.85 -19.47 -17.75
CA ILE G 63 -8.27 -19.38 -17.89
C ILE G 63 -8.53 -19.20 -19.37
N ARG G 64 -9.59 -19.81 -19.88
CA ARG G 64 -9.96 -19.66 -21.28
C ARG G 64 -10.33 -18.21 -21.58
N LYS G 65 -9.93 -17.74 -22.74
CA LYS G 65 -10.04 -16.32 -23.08
C LYS G 65 -11.47 -15.81 -23.08
N LEU G 66 -12.34 -16.46 -23.85
CA LEU G 66 -13.71 -15.97 -24.01
C LEU G 66 -14.56 -16.07 -22.74
N PRO G 67 -14.52 -17.20 -22.02
CA PRO G 67 -15.29 -17.20 -20.77
C PRO G 67 -14.88 -16.07 -19.83
N PHE G 68 -13.58 -15.77 -19.74
CA PHE G 68 -13.11 -14.71 -18.86
C PHE G 68 -13.65 -13.36 -19.31
N GLN G 69 -13.68 -13.14 -20.61
CA GLN G 69 -14.21 -11.92 -21.17
C GLN G 69 -15.70 -11.73 -20.86
N ARG G 70 -16.45 -12.84 -20.85
CA ARG G 70 -17.85 -12.77 -20.50
C ARG G 70 -18.05 -12.36 -19.06
N LEU G 71 -17.25 -12.92 -18.17
CA LEU G 71 -17.33 -12.61 -16.76
C LEU G 71 -17.03 -11.14 -16.48
N VAL G 72 -16.06 -10.60 -17.20
CA VAL G 72 -15.68 -9.23 -17.03
C VAL G 72 -16.81 -8.32 -17.43
N ARG G 73 -17.40 -8.62 -18.59
CA ARG G 73 -18.51 -7.84 -19.10
C ARG G 73 -19.77 -8.00 -18.23
N GLU G 74 -19.99 -9.19 -17.72
CA GLU G 74 -21.09 -9.37 -16.83
C GLU G 74 -20.93 -8.48 -15.60
N ILE G 75 -19.78 -8.58 -14.93
CA ILE G 75 -19.52 -7.82 -13.72
C ILE G 75 -19.56 -6.33 -14.00
N ALA G 76 -18.97 -5.92 -15.13
CA ALA G 76 -18.89 -4.51 -15.46
C ALA G 76 -20.27 -3.93 -15.74
N GLN G 77 -21.11 -4.73 -16.38
CA GLN G 77 -22.49 -4.35 -16.69
C GLN G 77 -23.32 -4.01 -15.47
N ASP G 78 -23.13 -4.78 -14.40
CA ASP G 78 -23.84 -4.53 -13.16
C ASP G 78 -23.41 -3.22 -12.47
N PHE G 79 -22.20 -2.73 -12.73
CA PHE G 79 -21.74 -1.46 -12.21
CA PHE G 79 -21.77 -1.46 -12.19
C PHE G 79 -22.29 -0.33 -13.08
N LYS G 80 -22.20 -0.52 -14.38
CA LYS G 80 -22.66 0.47 -15.34
C LYS G 80 -22.98 -0.21 -16.68
N THR G 81 -24.06 0.22 -17.31
CA THR G 81 -24.50 -0.36 -18.57
C THR G 81 -23.85 0.31 -19.77
N ASP G 82 -23.92 -0.38 -20.91
CA ASP G 82 -23.42 0.14 -22.16
C ASP G 82 -21.96 0.57 -22.08
N LEU G 83 -21.12 -0.39 -21.70
CA LEU G 83 -19.69 -0.19 -21.62
C LEU G 83 -19.02 -1.00 -22.71
N ARG G 84 -18.01 -0.42 -23.32
CA ARG G 84 -17.17 -1.13 -24.25
C ARG G 84 -15.80 -1.34 -23.62
N PHE G 85 -15.06 -2.33 -24.11
CA PHE G 85 -13.73 -2.62 -23.60
C PHE G 85 -12.70 -2.68 -24.70
N GLN G 86 -11.63 -1.92 -24.55
CA GLN G 86 -10.46 -2.12 -25.39
C GLN G 86 -10.04 -3.55 -25.23
N SER G 87 -9.53 -4.15 -26.30
CA SER G 87 -9.16 -5.55 -26.20
C SER G 87 -8.05 -5.74 -25.15
N SER G 88 -7.10 -4.83 -25.11
CA SER G 88 -6.01 -4.94 -24.14
C SER G 88 -6.48 -4.74 -22.69
N ALA G 89 -7.58 -4.02 -22.49
CA ALA G 89 -8.09 -3.80 -21.14
C ALA G 89 -8.55 -5.11 -20.52
N VAL G 90 -9.14 -5.96 -21.33
CA VAL G 90 -9.62 -7.25 -20.83
C VAL G 90 -8.43 -8.16 -20.56
N MET G 91 -7.45 -8.11 -21.46
CA MET G 91 -6.24 -8.92 -21.32
C MET G 91 -5.43 -8.50 -20.10
N ALA G 92 -5.35 -7.20 -19.84
CA ALA G 92 -4.74 -6.69 -18.62
C ALA G 92 -5.47 -7.21 -17.38
N LEU G 93 -6.80 -7.21 -17.41
CA LEU G 93 -7.58 -7.73 -16.29
C LEU G 93 -7.30 -9.21 -16.09
N GLN G 94 -7.02 -9.94 -17.18
CA GLN G 94 -6.73 -11.35 -17.05
C GLN G 94 -5.31 -11.56 -16.52
N GLU G 95 -4.33 -10.81 -17.04
CA GLU G 95 -2.97 -10.93 -16.56
C GLU G 95 -2.93 -10.67 -15.07
N ALA G 96 -3.65 -9.65 -14.64
CA ALA G 96 -3.66 -9.26 -13.22
C ALA G 96 -4.35 -10.28 -12.34
N SER G 97 -5.48 -10.82 -12.82
CA SER G 97 -6.29 -11.77 -12.07
C SER G 97 -5.61 -13.09 -11.86
N GLU G 98 -4.93 -13.58 -12.90
CA GLU G 98 -4.27 -14.85 -12.79
C GLU G 98 -3.02 -14.71 -11.93
N ALA G 99 -2.32 -13.60 -12.09
CA ALA G 99 -1.16 -13.32 -11.26
C ALA G 99 -1.58 -13.28 -9.82
N TYR G 100 -2.72 -12.68 -9.56
CA TYR G 100 -3.25 -12.57 -8.20
C TYR G 100 -3.58 -13.94 -7.64
N LEU G 101 -4.28 -14.74 -8.43
CA LEU G 101 -4.78 -16.03 -7.97
C LEU G 101 -3.66 -17.02 -7.75
N VAL G 102 -2.68 -17.04 -8.63
CA VAL G 102 -1.50 -17.90 -8.47
C VAL G 102 -0.73 -17.60 -7.17
N ALA G 103 -0.49 -16.32 -6.93
CA ALA G 103 0.20 -15.90 -5.73
C ALA G 103 -0.59 -16.29 -4.47
N LEU G 104 -1.91 -16.21 -4.53
CA LEU G 104 -2.76 -16.59 -3.42
C LEU G 104 -2.68 -18.09 -3.14
N PHE G 105 -2.67 -18.89 -4.19
CA PHE G 105 -2.52 -20.34 -4.01
C PHE G 105 -1.17 -20.71 -3.38
N GLU G 106 -0.13 -19.92 -3.64
CA GLU G 106 1.15 -20.13 -2.98
C GLU G 106 0.99 -19.96 -1.50
N ASP G 107 0.36 -18.86 -1.10
CA ASP G 107 0.10 -18.58 0.30
C ASP G 107 -0.84 -19.62 0.90
N THR G 108 -1.86 -20.00 0.13
CA THR G 108 -2.80 -21.03 0.55
C THR G 108 -2.08 -22.35 0.81
N ASN G 109 -1.14 -22.66 -0.07
CA ASN G 109 -0.34 -23.88 0.04
C ASN G 109 0.48 -23.90 1.32
N LEU G 110 1.08 -22.76 1.65
CA LEU G 110 1.84 -22.67 2.88
C LEU G 110 0.97 -22.89 4.11
N CYS G 111 -0.26 -22.41 4.07
CA CYS G 111 -1.16 -22.60 5.20
C CYS G 111 -1.58 -24.06 5.38
N ALA G 112 -1.82 -24.77 4.29
CA ALA G 112 -2.13 -26.18 4.35
C ALA G 112 -0.99 -26.96 4.96
N ILE G 113 0.21 -26.74 4.43
CA ILE G 113 1.41 -27.41 4.90
C ILE G 113 1.68 -27.07 6.36
N HIS G 114 1.31 -25.88 6.78
CA HIS G 114 1.50 -25.45 8.16
C HIS G 114 0.63 -26.30 9.07
N ALA G 115 -0.49 -26.76 8.53
CA ALA G 115 -1.44 -27.59 9.26
C ALA G 115 -1.13 -29.06 9.02
N LYS G 116 0.06 -29.31 8.47
CA LYS G 116 0.54 -30.66 8.23
C LYS G 116 -0.40 -31.42 7.29
N ARG G 117 -1.00 -30.70 6.36
CA ARG G 117 -1.77 -31.29 5.26
C ARG G 117 -1.04 -31.02 3.96
N VAL G 118 -1.45 -31.68 2.89
CA VAL G 118 -0.91 -31.41 1.57
C VAL G 118 -2.07 -31.03 0.67
N THR G 119 -3.27 -31.05 1.25
CA THR G 119 -4.51 -30.71 0.55
C THR G 119 -4.91 -29.30 0.89
N ILE G 120 -5.07 -28.44 -0.10
CA ILE G 120 -5.51 -27.08 0.19
C ILE G 120 -7.02 -27.07 0.44
N MET G 121 -7.47 -26.18 1.32
CA MET G 121 -8.87 -26.13 1.72
C MET G 121 -9.34 -24.70 1.82
N PRO G 122 -10.66 -24.46 1.85
CA PRO G 122 -11.12 -23.07 1.97
C PRO G 122 -10.58 -22.34 3.19
N LYS G 123 -10.43 -23.02 4.31
CA LYS G 123 -9.94 -22.33 5.49
C LYS G 123 -8.49 -21.92 5.31
N ASP G 124 -7.80 -22.53 4.35
CA ASP G 124 -6.44 -22.13 4.01
C ASP G 124 -6.45 -20.82 3.25
N ILE G 125 -7.32 -20.71 2.26
CA ILE G 125 -7.51 -19.48 1.52
C ILE G 125 -7.94 -18.37 2.47
N GLN G 126 -8.83 -18.71 3.38
CA GLN G 126 -9.40 -17.73 4.28
C GLN G 126 -8.34 -17.19 5.27
N LEU G 127 -7.50 -18.06 5.82
CA LEU G 127 -6.44 -17.64 6.71
C LEU G 127 -5.48 -16.72 5.98
N ALA G 128 -5.11 -17.12 4.77
CA ALA G 128 -4.22 -16.34 3.93
C ALA G 128 -4.74 -14.94 3.68
N ARG G 129 -5.99 -14.82 3.21
CA ARG G 129 -6.56 -13.51 2.95
C ARG G 129 -6.72 -12.69 4.23
N ARG G 130 -7.00 -13.37 5.34
CA ARG G 130 -7.11 -12.69 6.62
C ARG G 130 -5.78 -12.02 6.98
N ILE G 131 -4.70 -12.78 6.85
CA ILE G 131 -3.37 -12.31 7.21
C ILE G 131 -2.85 -11.27 6.22
N ARG G 132 -3.24 -11.40 4.96
CA ARG G 132 -2.91 -10.38 3.96
C ARG G 132 -3.64 -9.06 4.22
N GLY G 133 -4.71 -9.10 5.00
CA GLY G 133 -5.50 -7.91 5.25
C GLY G 133 -6.59 -7.70 4.21
N GLU G 134 -6.99 -8.77 3.54
CA GLU G 134 -8.05 -8.69 2.54
C GLU G 134 -9.39 -9.02 3.17
N ARG G 135 -9.32 -9.84 4.22
CA ARG G 135 -10.50 -10.35 4.87
C ARG G 135 -10.73 -9.61 6.18
N ALA G 136 -9.77 -9.76 7.10
CA ALA G 136 -9.92 -9.28 8.47
C ALA G 136 -11.11 -9.94 9.18
N ARG H 18 -30.05 -5.08 -33.19
CA ARG H 18 -29.39 -4.36 -32.11
C ARG H 18 -29.80 -4.94 -30.74
N HIS H 19 -30.04 -6.24 -30.71
CA HIS H 19 -30.49 -6.92 -29.50
C HIS H 19 -29.30 -7.50 -28.72
N ARG H 20 -28.79 -6.74 -27.75
CA ARG H 20 -27.70 -7.23 -26.91
C ARG H 20 -28.21 -8.40 -26.07
N LYS H 21 -27.41 -9.46 -25.95
CA LYS H 21 -27.88 -10.63 -25.24
C LYS H 21 -27.61 -10.52 -23.75
N VAL H 22 -28.08 -11.51 -23.00
CA VAL H 22 -28.09 -11.43 -21.56
C VAL H 22 -26.95 -12.22 -20.97
N LEU H 23 -26.15 -11.56 -20.15
CA LEU H 23 -25.03 -12.19 -19.50
C LEU H 23 -25.45 -12.68 -18.15
N ARG H 24 -25.27 -13.97 -17.88
CA ARG H 24 -25.50 -14.46 -16.53
C ARG H 24 -24.78 -15.77 -16.25
N ASP H 25 -24.43 -15.95 -14.98
CA ASP H 25 -23.82 -17.17 -14.44
C ASP H 25 -22.42 -17.41 -15.00
N ASN H 26 -21.78 -16.35 -15.48
CA ASN H 26 -20.52 -16.46 -16.23
C ASN H 26 -19.30 -16.87 -15.40
N ILE H 27 -19.42 -16.73 -14.09
CA ILE H 27 -18.43 -17.11 -13.10
C ILE H 27 -18.12 -18.60 -13.21
N GLN H 28 -19.06 -19.35 -13.77
CA GLN H 28 -18.89 -20.78 -13.94
C GLN H 28 -18.00 -21.05 -15.16
N GLY H 29 -17.69 -19.98 -15.89
CA GLY H 29 -16.76 -20.03 -17.01
C GLY H 29 -15.34 -20.15 -16.46
N ILE H 30 -15.22 -19.88 -15.17
CA ILE H 30 -13.99 -20.17 -14.45
C ILE H 30 -14.07 -21.62 -14.00
N THR H 31 -13.62 -22.52 -14.89
CA THR H 31 -13.86 -23.94 -14.72
C THR H 31 -12.98 -24.61 -13.69
N LYS H 32 -13.38 -25.80 -13.28
CA LYS H 32 -12.55 -26.60 -12.39
C LYS H 32 -11.14 -26.89 -12.98
N PRO H 33 -11.05 -27.36 -14.25
CA PRO H 33 -9.71 -27.52 -14.82
C PRO H 33 -8.86 -26.26 -14.82
N ALA H 34 -9.45 -25.11 -15.10
CA ALA H 34 -8.72 -23.85 -15.10
C ALA H 34 -8.25 -23.52 -13.68
N ILE H 35 -9.11 -23.73 -12.70
CA ILE H 35 -8.74 -23.44 -11.32
C ILE H 35 -7.60 -24.36 -10.91
N ARG H 36 -7.71 -25.62 -11.28
CA ARG H 36 -6.67 -26.60 -11.01
C ARG H 36 -5.33 -26.18 -11.65
N ARG H 37 -5.36 -25.63 -12.86
CA ARG H 37 -4.12 -25.19 -13.51
C ARG H 37 -3.45 -24.06 -12.73
N LEU H 38 -4.23 -23.07 -12.33
CA LEU H 38 -3.72 -21.94 -11.53
C LEU H 38 -3.07 -22.45 -10.23
N ALA H 39 -3.73 -23.40 -9.57
CA ALA H 39 -3.17 -23.98 -8.36
C ALA H 39 -1.84 -24.69 -8.63
N ARG H 40 -1.74 -25.34 -9.79
CA ARG H 40 -0.52 -26.03 -10.18
C ARG H 40 0.64 -25.04 -10.36
N ARG H 41 0.38 -23.90 -11.00
CA ARG H 41 1.40 -22.87 -11.14
C ARG H 41 1.77 -22.28 -9.78
N GLY H 42 0.81 -22.26 -8.86
CA GLY H 42 1.06 -21.81 -7.51
C GLY H 42 1.71 -22.88 -6.65
N GLY H 43 2.04 -24.01 -7.28
CA GLY H 43 2.78 -25.07 -6.61
C GLY H 43 1.97 -26.03 -5.76
N VAL H 44 0.66 -26.05 -6.00
CA VAL H 44 -0.28 -26.84 -5.23
C VAL H 44 -0.43 -28.24 -5.80
N LYS H 45 -0.39 -29.24 -4.93
CA LYS H 45 -0.41 -30.63 -5.36
C LYS H 45 -1.77 -31.33 -5.20
N ARG H 46 -2.45 -31.08 -4.09
CA ARG H 46 -3.75 -31.70 -3.80
C ARG H 46 -4.83 -30.70 -3.41
N ILE H 47 -6.01 -30.82 -4.04
CA ILE H 47 -7.04 -29.79 -3.94
C ILE H 47 -8.41 -30.30 -3.46
N SER H 48 -8.84 -29.82 -2.31
CA SER H 48 -10.18 -30.11 -1.77
C SER H 48 -11.33 -29.66 -2.68
N GLY H 49 -12.37 -30.48 -2.78
CA GLY H 49 -13.50 -30.24 -3.68
C GLY H 49 -14.23 -28.92 -3.44
N LEU H 50 -14.15 -28.42 -2.22
CA LEU H 50 -14.74 -27.15 -1.87
C LEU H 50 -13.95 -25.94 -2.38
N ILE H 51 -12.76 -26.16 -2.93
CA ILE H 51 -11.86 -25.07 -3.31
C ILE H 51 -12.42 -24.29 -4.49
N TYR H 52 -12.96 -25.00 -5.46
CA TYR H 52 -13.34 -24.39 -6.72
C TYR H 52 -14.40 -23.32 -6.52
N GLU H 53 -15.36 -23.54 -5.63
CA GLU H 53 -16.38 -22.52 -5.36
C GLU H 53 -15.80 -21.31 -4.61
N GLU H 54 -14.89 -21.59 -3.69
CA GLU H 54 -14.26 -20.56 -2.89
C GLU H 54 -13.41 -19.68 -3.78
N THR H 55 -12.70 -20.31 -4.70
CA THR H 55 -11.85 -19.62 -5.67
C THR H 55 -12.66 -18.67 -6.56
N ARG H 56 -13.79 -19.13 -7.07
CA ARG H 56 -14.67 -18.28 -7.88
C ARG H 56 -15.15 -17.07 -7.08
N GLY H 57 -15.42 -17.28 -5.80
CA GLY H 57 -15.86 -16.20 -4.94
C GLY H 57 -14.80 -15.15 -4.74
N VAL H 58 -13.57 -15.61 -4.53
CA VAL H 58 -12.42 -14.73 -4.29
C VAL H 58 -12.09 -13.97 -5.56
N LEU H 59 -12.15 -14.65 -6.69
CA LEU H 59 -11.92 -14.02 -7.98
C LEU H 59 -12.97 -12.96 -8.29
N LYS H 60 -14.23 -13.24 -7.98
CA LYS H 60 -15.32 -12.32 -8.22
C LYS H 60 -15.14 -11.02 -7.44
N VAL H 61 -14.74 -11.14 -6.18
CA VAL H 61 -14.48 -9.96 -5.36
C VAL H 61 -13.33 -9.17 -5.95
N PHE H 62 -12.28 -9.87 -6.38
CA PHE H 62 -11.14 -9.23 -7.00
C PHE H 62 -11.56 -8.42 -8.21
N LEU H 63 -12.31 -9.01 -9.11
CA LEU H 63 -12.75 -8.32 -10.33
C LEU H 63 -13.74 -7.19 -10.04
N GLU H 64 -14.65 -7.37 -9.09
CA GLU H 64 -15.53 -6.30 -8.68
C GLU H 64 -14.75 -5.06 -8.27
N ASN H 65 -13.75 -5.25 -7.42
CA ASN H 65 -12.97 -4.13 -6.94
C ASN H 65 -12.14 -3.47 -8.05
N VAL H 66 -11.53 -4.24 -8.92
CA VAL H 66 -10.71 -3.59 -9.95
C VAL H 66 -11.57 -2.90 -11.01
N ILE H 67 -12.60 -3.59 -11.48
CA ILE H 67 -13.49 -3.04 -12.51
C ILE H 67 -14.21 -1.77 -12.04
N ARG H 68 -14.70 -1.79 -10.80
CA ARG H 68 -15.33 -0.60 -10.24
C ARG H 68 -14.40 0.62 -10.29
N ASP H 69 -13.15 0.46 -9.90
CA ASP H 69 -12.21 1.59 -9.92
C ASP H 69 -11.88 1.96 -11.35
N ALA H 70 -11.73 0.97 -12.20
CA ALA H 70 -11.43 1.19 -13.60
C ALA H 70 -12.56 1.96 -14.28
N VAL H 71 -13.79 1.53 -14.04
CA VAL H 71 -14.95 2.19 -14.64
C VAL H 71 -15.10 3.60 -14.09
N THR H 72 -14.76 3.78 -12.82
CA THR H 72 -14.75 5.11 -12.24
C THR H 72 -13.80 6.03 -12.99
N TYR H 73 -12.65 5.50 -13.41
CA TYR H 73 -11.74 6.27 -14.25
C TYR H 73 -12.36 6.51 -15.62
N THR H 74 -13.03 5.51 -16.18
CA THR H 74 -13.73 5.66 -17.44
C THR H 74 -14.77 6.79 -17.40
N GLU H 75 -15.66 6.74 -16.41
CA GLU H 75 -16.69 7.77 -16.26
C GLU H 75 -16.11 9.16 -16.11
N HIS H 76 -15.06 9.27 -15.30
CA HIS H 76 -14.48 10.56 -15.06
C HIS H 76 -13.93 11.16 -16.33
N ALA H 77 -13.49 10.31 -17.23
CA ALA H 77 -12.91 10.79 -18.47
C ALA H 77 -14.00 11.01 -19.50
N LYS H 78 -15.26 10.79 -19.09
CA LYS H 78 -16.43 10.93 -19.96
C LYS H 78 -16.37 10.01 -21.18
N ARG H 79 -15.82 8.82 -20.98
CA ARG H 79 -15.72 7.84 -22.05
C ARG H 79 -16.75 6.73 -21.84
N LYS H 80 -17.02 5.97 -22.90
CA LYS H 80 -17.94 4.85 -22.79
C LYS H 80 -17.19 3.55 -22.98
N THR H 81 -15.88 3.69 -23.17
CA THR H 81 -14.96 2.58 -23.39
C THR H 81 -13.90 2.46 -22.30
N VAL H 82 -13.82 1.31 -21.66
CA VAL H 82 -12.78 1.06 -20.67
C VAL H 82 -11.45 0.80 -21.37
N THR H 83 -10.48 1.66 -21.14
CA THR H 83 -9.18 1.51 -21.78
C THR H 83 -8.26 0.68 -20.92
N ALA H 84 -7.17 0.19 -21.51
CA ALA H 84 -6.16 -0.52 -20.73
C ALA H 84 -5.61 0.36 -19.62
N MET H 85 -5.43 1.64 -19.91
CA MET H 85 -4.94 2.55 -18.89
C MET H 85 -5.88 2.64 -17.67
N ASP H 86 -7.18 2.59 -17.90
CA ASP H 86 -8.13 2.61 -16.80
C ASP H 86 -7.89 1.41 -15.89
N VAL H 87 -7.71 0.25 -16.49
CA VAL H 87 -7.38 -0.95 -15.73
C VAL H 87 -6.03 -0.83 -15.04
N VAL H 88 -5.06 -0.23 -15.74
CA VAL H 88 -3.73 -0.12 -15.17
C VAL H 88 -3.75 0.82 -13.95
N TYR H 89 -4.40 1.97 -14.05
CA TYR H 89 -4.50 2.90 -12.93
C TYR H 89 -5.24 2.31 -11.74
N ALA H 90 -6.27 1.52 -12.01
CA ALA H 90 -7.06 0.93 -10.96
C ALA H 90 -6.25 -0.12 -10.21
N LEU H 91 -5.51 -0.93 -10.96
CA LEU H 91 -4.63 -1.92 -10.36
C LEU H 91 -3.58 -1.24 -9.47
N LYS H 92 -3.03 -0.13 -9.95
CA LYS H 92 -2.01 0.62 -9.23
C LYS H 92 -2.59 1.11 -7.90
N ARG H 93 -3.82 1.61 -7.91
CA ARG H 93 -4.50 2.04 -6.68
C ARG H 93 -4.69 0.94 -5.65
N GLN H 94 -4.97 -0.27 -6.13
CA GLN H 94 -5.18 -1.42 -5.27
C GLN H 94 -3.86 -1.97 -4.76
N GLY H 95 -2.76 -1.35 -5.17
CA GLY H 95 -1.45 -1.81 -4.76
C GLY H 95 -1.04 -3.07 -5.48
N ARG H 96 -1.54 -3.22 -6.71
CA ARG H 96 -1.16 -4.34 -7.57
CA ARG H 96 -1.17 -4.34 -7.56
C ARG H 96 -0.75 -3.85 -8.94
N THR H 97 0.30 -3.04 -8.98
CA THR H 97 0.87 -2.52 -10.22
C THR H 97 1.15 -3.56 -11.29
N LEU H 98 0.71 -3.27 -12.51
CA LEU H 98 0.94 -4.17 -13.63
C LEU H 98 1.83 -3.55 -14.70
N TYR H 99 2.80 -4.32 -15.15
CA TYR H 99 3.67 -3.91 -16.22
C TYR H 99 3.22 -4.56 -17.55
N GLY H 100 3.31 -3.82 -18.64
CA GLY H 100 3.13 -4.45 -19.93
C GLY H 100 1.93 -3.96 -20.72
N PHE H 101 1.17 -3.03 -20.15
CA PHE H 101 -0.02 -2.55 -20.83
C PHE H 101 -0.11 -1.04 -20.93
N GLY H 102 0.97 -0.33 -20.67
CA GLY H 102 0.94 1.12 -20.85
C GLY H 102 1.37 2.09 -19.77
N GLY H 103 1.54 1.64 -18.54
CA GLY H 103 1.97 2.54 -17.49
C GLY H 103 3.30 3.27 -17.76
N ALA I 15 -17.70 41.97 4.64
CA ALA I 15 -16.77 40.86 4.83
C ALA I 15 -17.48 39.59 5.27
N LYS I 16 -17.26 38.50 4.52
CA LYS I 16 -17.93 37.24 4.81
C LYS I 16 -17.12 36.04 4.27
N THR I 17 -16.76 35.12 5.17
CA THR I 17 -15.89 34.01 4.81
C THR I 17 -16.58 32.99 3.91
N ARG I 18 -15.76 32.30 3.11
CA ARG I 18 -16.23 31.31 2.17
C ARG I 18 -16.83 30.09 2.88
N SER I 19 -16.29 29.77 4.05
CA SER I 19 -16.81 28.68 4.86
C SER I 19 -18.26 28.91 5.19
N SER I 20 -18.57 30.15 5.58
CA SER I 20 -19.94 30.53 5.93
C SER I 20 -20.84 30.50 4.71
N ARG I 21 -20.28 30.86 3.56
CA ARG I 21 -21.05 30.82 2.32
C ARG I 21 -21.47 29.39 2.00
N ALA I 22 -20.68 28.42 2.44
CA ALA I 22 -20.93 27.02 2.14
C ALA I 22 -21.58 26.30 3.30
N GLY I 23 -21.61 26.95 4.46
CA GLY I 23 -22.25 26.40 5.63
C GLY I 23 -21.33 25.48 6.41
N LEU I 24 -20.04 25.80 6.38
CA LEU I 24 -19.02 24.91 6.94
C LEU I 24 -18.29 25.49 8.12
N GLN I 25 -17.89 24.62 9.04
CA GLN I 25 -17.01 25.00 10.13
C GLN I 25 -15.55 24.97 9.67
N PHE I 26 -15.24 24.08 8.73
CA PHE I 26 -13.87 23.89 8.24
C PHE I 26 -13.46 24.99 7.28
N PRO I 27 -12.19 25.43 7.36
CA PRO I 27 -11.68 26.60 6.65
C PRO I 27 -11.49 26.40 5.16
N VAL I 28 -12.38 26.96 4.36
CA VAL I 28 -12.32 26.78 2.92
C VAL I 28 -11.08 27.46 2.39
N GLY I 29 -10.84 28.68 2.82
CA GLY I 29 -9.68 29.43 2.39
C GLY I 29 -8.37 28.72 2.66
N ARG I 30 -8.26 28.09 3.83
CA ARG I 30 -7.04 27.36 4.21
C ARG I 30 -6.86 26.11 3.35
N VAL I 31 -7.94 25.40 3.09
CA VAL I 31 -7.90 24.22 2.23
C VAL I 31 -7.45 24.63 0.85
N HIS I 32 -7.95 25.77 0.38
CA HIS I 32 -7.54 26.30 -0.92
C HIS I 32 -6.05 26.58 -0.95
N ARG I 33 -5.55 27.23 0.10
CA ARG I 33 -4.15 27.62 0.15
C ARG I 33 -3.27 26.37 0.21
N LEU I 34 -3.74 25.36 0.95
CA LEU I 34 -2.99 24.12 1.09
C LEU I 34 -2.98 23.34 -0.22
N LEU I 35 -4.05 23.45 -1.00
CA LEU I 35 -4.09 22.79 -2.31
C LEU I 35 -3.10 23.43 -3.31
N ARG I 36 -2.89 24.73 -3.19
CA ARG I 36 -1.97 25.43 -4.08
C ARG I 36 -0.53 25.09 -3.74
N LYS I 37 -0.25 25.01 -2.45
CA LYS I 37 1.09 24.77 -1.98
C LYS I 37 1.53 23.34 -2.16
N GLY I 38 0.58 22.42 -2.22
CA GLY I 38 0.91 21.00 -2.22
C GLY I 38 1.34 20.49 -3.56
N ASN I 39 1.37 21.37 -4.55
CA ASN I 39 1.77 20.98 -5.90
C ASN I 39 0.98 19.79 -6.37
N TYR I 40 -0.34 19.93 -6.42
CA TYR I 40 -1.18 18.84 -6.88
C TYR I 40 -1.55 19.08 -8.33
N ALA I 41 -1.56 20.35 -8.73
CA ALA I 41 -1.77 20.74 -10.12
C ALA I 41 -1.45 22.21 -10.32
N GLU I 42 -1.34 22.61 -11.58
CA GLU I 42 -1.06 23.99 -11.95
C GLU I 42 -2.11 24.95 -11.38
N ARG I 43 -3.38 24.62 -11.58
CA ARG I 43 -4.48 25.46 -11.11
C ARG I 43 -5.39 24.72 -10.15
N VAL I 44 -6.10 25.48 -9.32
CA VAL I 44 -7.13 24.91 -8.45
C VAL I 44 -8.45 25.63 -8.65
N GLY I 45 -9.46 24.88 -9.08
CA GLY I 45 -10.79 25.42 -9.29
C GLY I 45 -11.38 25.98 -8.02
N ALA I 46 -12.25 26.96 -8.15
CA ALA I 46 -12.80 27.64 -6.98
C ALA I 46 -13.68 26.72 -6.13
N GLY I 47 -14.21 25.66 -6.73
CA GLY I 47 -15.12 24.79 -6.01
C GLY I 47 -14.45 23.65 -5.26
N ALA I 48 -13.29 23.24 -5.74
CA ALA I 48 -12.54 22.14 -5.14
C ALA I 48 -12.25 22.31 -3.65
N PRO I 49 -11.79 23.50 -3.22
CA PRO I 49 -11.56 23.58 -1.77
C PRO I 49 -12.86 23.57 -0.96
N VAL I 50 -13.94 24.09 -1.54
CA VAL I 50 -15.24 24.08 -0.88
C VAL I 50 -15.70 22.64 -0.69
N TYR I 51 -15.58 21.87 -1.76
CA TYR I 51 -15.96 20.47 -1.76
C TYR I 51 -15.09 19.68 -0.78
N LEU I 52 -13.78 19.85 -0.86
CA LEU I 52 -12.90 19.06 -0.03
C LEU I 52 -13.06 19.38 1.45
N ALA I 53 -13.23 20.67 1.76
CA ALA I 53 -13.43 21.08 3.14
C ALA I 53 -14.68 20.45 3.72
N ALA I 54 -15.72 20.35 2.89
CA ALA I 54 -16.97 19.70 3.29
C ALA I 54 -16.75 18.22 3.58
N VAL I 55 -15.98 17.57 2.72
CA VAL I 55 -15.69 16.14 2.90
C VAL I 55 -14.88 15.91 4.16
N LEU I 56 -13.89 16.76 4.39
CA LEU I 56 -13.06 16.66 5.57
C LEU I 56 -13.88 16.90 6.82
N GLU I 57 -14.81 17.84 6.75
CA GLU I 57 -15.69 18.12 7.88
C GLU I 57 -16.64 16.99 8.14
N TYR I 58 -17.24 16.43 7.08
CA TYR I 58 -18.15 15.33 7.24
C TYR I 58 -17.50 14.14 7.96
N LEU I 59 -16.31 13.77 7.50
CA LEU I 59 -15.60 12.64 8.08
C LEU I 59 -15.20 12.92 9.52
N THR I 60 -14.86 14.17 9.81
CA THR I 60 -14.56 14.54 11.17
C THR I 60 -15.78 14.35 12.06
N ALA I 61 -16.94 14.74 11.52
CA ALA I 61 -18.20 14.62 12.25
C ALA I 61 -18.57 13.17 12.47
N GLU I 62 -18.30 12.35 11.46
CA GLU I 62 -18.57 10.92 11.54
C GLU I 62 -17.78 10.26 12.66
N ILE I 63 -16.49 10.57 12.75
CA ILE I 63 -15.61 10.03 13.79
C ILE I 63 -15.91 10.60 15.17
N LEU I 64 -16.15 11.90 15.25
CA LEU I 64 -16.49 12.50 16.54
C LEU I 64 -17.81 11.91 17.08
N GLU I 65 -18.78 11.67 16.20
CA GLU I 65 -20.03 11.08 16.64
C GLU I 65 -19.80 9.73 17.31
N LEU I 66 -19.16 8.81 16.60
CA LEU I 66 -18.96 7.46 17.12
C LEU I 66 -18.04 7.43 18.34
N ALA I 67 -17.12 8.38 18.40
CA ALA I 67 -16.21 8.47 19.54
C ALA I 67 -16.94 9.03 20.77
N GLY I 68 -17.76 10.05 20.57
CA GLY I 68 -18.60 10.56 21.63
C GLY I 68 -19.44 9.44 22.22
N ASN I 69 -20.00 8.61 21.35
CA ASN I 69 -20.78 7.47 21.80
C ASN I 69 -19.88 6.54 22.59
N ALA I 70 -18.67 6.35 22.10
CA ALA I 70 -17.71 5.49 22.77
C ALA I 70 -17.36 6.05 24.14
N ALA I 71 -17.20 7.37 24.22
CA ALA I 71 -16.92 8.04 25.48
C ALA I 71 -18.09 7.88 26.44
N ARG I 72 -19.28 8.10 25.92
CA ARG I 72 -20.50 8.00 26.70
C ARG I 72 -20.73 6.59 27.24
N ASP I 73 -20.42 5.57 26.43
CA ASP I 73 -20.57 4.19 26.85
C ASP I 73 -19.65 3.85 28.00
N ASN I 74 -18.56 4.59 28.11
CA ASN I 74 -17.58 4.34 29.16
C ASN I 74 -17.79 5.34 30.28
N LYS I 75 -18.95 6.01 30.24
CA LYS I 75 -19.30 7.02 31.24
C LYS I 75 -18.20 8.08 31.38
N LYS I 76 -17.69 8.52 30.23
CA LYS I 76 -16.71 9.60 30.17
C LYS I 76 -17.27 10.74 29.36
N THR I 77 -16.86 11.96 29.66
CA THR I 77 -17.33 13.10 28.90
C THR I 77 -16.21 13.69 28.05
N ARG I 78 -15.00 13.16 28.24
CA ARG I 78 -13.86 13.60 27.46
C ARG I 78 -13.36 12.51 26.53
N ILE I 79 -13.43 12.78 25.23
CA ILE I 79 -12.88 11.87 24.26
C ILE I 79 -11.36 11.75 24.42
N ILE I 80 -10.89 10.53 24.61
CA ILE I 80 -9.47 10.21 24.64
C ILE I 80 -9.16 9.32 23.43
N PRO I 81 -7.87 9.09 23.13
CA PRO I 81 -7.51 8.25 21.99
C PRO I 81 -8.11 6.84 22.00
N ARG I 82 -8.38 6.27 23.17
CA ARG I 82 -9.04 4.98 23.25
C ARG I 82 -10.43 5.00 22.61
N HIS I 83 -11.14 6.11 22.77
CA HIS I 83 -12.52 6.20 22.27
C HIS I 83 -12.51 6.31 20.77
N LEU I 84 -11.49 6.98 20.25
CA LEU I 84 -11.31 7.09 18.81
C LEU I 84 -11.01 5.73 18.21
N GLN I 85 -10.17 4.96 18.89
CA GLN I 85 -9.84 3.63 18.42
C GLN I 85 -11.06 2.74 18.39
N LEU I 86 -11.78 2.67 19.50
CA LEU I 86 -13.01 1.89 19.56
C LEU I 86 -13.99 2.34 18.48
N ALA I 87 -14.10 3.65 18.27
CA ALA I 87 -15.04 4.17 17.29
C ALA I 87 -14.74 3.66 15.88
N VAL I 88 -13.48 3.71 15.50
CA VAL I 88 -13.02 3.35 14.16
C VAL I 88 -13.01 1.83 13.94
N ARG I 89 -12.47 1.08 14.89
CA ARG I 89 -12.36 -0.35 14.70
C ARG I 89 -13.73 -1.04 14.78
N ASN I 90 -14.73 -0.37 15.33
CA ASN I 90 -16.06 -0.96 15.40
C ASN I 90 -16.96 -0.59 14.24
N ASP I 91 -16.48 0.29 13.39
CA ASP I 91 -17.20 0.66 12.18
C ASP I 91 -16.48 0.08 10.97
N GLU I 92 -17.15 -0.82 10.26
CA GLU I 92 -16.54 -1.54 9.15
C GLU I 92 -15.93 -0.62 8.11
N GLU I 93 -16.54 0.54 7.92
CA GLU I 93 -16.16 1.43 6.83
C GLU I 93 -15.04 2.36 7.25
N LEU I 94 -15.06 2.80 8.50
CA LEU I 94 -13.95 3.60 9.02
C LEU I 94 -12.74 2.72 9.25
N ASN I 95 -12.97 1.50 9.71
CA ASN I 95 -11.92 0.51 9.86
C ASN I 95 -11.15 0.35 8.57
N LYS I 96 -11.88 0.25 7.47
CA LYS I 96 -11.27 0.08 6.16
C LYS I 96 -10.44 1.28 5.73
N LEU I 97 -11.06 2.46 5.79
CA LEU I 97 -10.40 3.71 5.46
C LEU I 97 -9.10 3.90 6.20
N LEU I 98 -9.06 3.42 7.44
CA LEU I 98 -7.90 3.56 8.28
C LEU I 98 -7.32 2.20 8.55
N GLY I 99 -7.34 1.33 7.54
CA GLY I 99 -6.88 -0.02 7.71
C GLY I 99 -5.38 -0.12 7.87
N ARG I 100 -4.68 0.92 7.44
CA ARG I 100 -3.21 0.98 7.51
C ARG I 100 -2.75 2.11 8.43
N VAL I 101 -3.61 2.49 9.36
CA VAL I 101 -3.32 3.62 10.24
C VAL I 101 -3.22 3.14 11.68
N THR I 102 -2.29 3.71 12.44
CA THR I 102 -2.16 3.40 13.85
C THR I 102 -2.50 4.62 14.71
N ILE I 103 -3.50 4.46 15.57
CA ILE I 103 -3.91 5.49 16.51
C ILE I 103 -3.11 5.26 17.79
N ALA I 104 -2.23 6.19 18.13
CA ALA I 104 -1.41 6.02 19.32
C ALA I 104 -2.28 6.02 20.57
N GLN I 105 -1.88 5.22 21.55
CA GLN I 105 -2.61 5.11 22.81
C GLN I 105 -4.04 4.65 22.63
N GLY I 106 -4.31 3.91 21.56
CA GLY I 106 -5.64 3.43 21.27
C GLY I 106 -5.93 2.02 21.75
N GLY I 107 -4.90 1.20 21.91
CA GLY I 107 -5.07 -0.19 22.29
C GLY I 107 -5.78 -0.97 21.22
N VAL I 108 -6.32 -2.12 21.59
CA VAL I 108 -7.03 -2.99 20.64
C VAL I 108 -8.45 -3.29 21.11
N LEU I 109 -9.26 -3.87 20.24
CA LEU I 109 -10.61 -4.32 20.62
C LEU I 109 -10.53 -5.61 21.43
N PRO I 110 -11.32 -5.69 22.52
CA PRO I 110 -11.36 -6.94 23.28
C PRO I 110 -11.74 -8.09 22.36
N ASN I 111 -10.90 -9.12 22.30
CA ASN I 111 -11.17 -10.22 21.39
C ASN I 111 -10.39 -11.45 21.76
N ILE I 112 -11.09 -12.46 22.25
CA ILE I 112 -10.49 -13.73 22.58
C ILE I 112 -11.03 -14.82 21.65
N GLN I 113 -10.13 -15.52 20.98
CA GLN I 113 -10.50 -16.65 20.16
C GLN I 113 -11.23 -17.68 20.98
N SER I 114 -12.38 -18.15 20.48
CA SER I 114 -13.26 -18.99 21.28
C SER I 114 -12.59 -20.30 21.69
N VAL I 115 -11.71 -20.83 20.85
CA VAL I 115 -11.00 -22.09 21.16
C VAL I 115 -10.10 -21.94 22.38
N LEU I 116 -9.78 -20.70 22.76
CA LEU I 116 -8.92 -20.44 23.90
C LEU I 116 -9.69 -20.36 25.20
N LEU I 117 -11.01 -20.31 25.10
CA LEU I 117 -11.88 -20.22 26.26
C LEU I 117 -11.96 -21.54 27.02
N PRO I 118 -12.25 -21.48 28.33
CA PRO I 118 -12.46 -22.67 29.15
C PRO I 118 -13.71 -23.43 28.75
N LYS I 119 -13.86 -24.63 29.30
CA LYS I 119 -14.98 -25.51 28.97
C LYS I 119 -16.14 -25.28 29.94
N LYS J 29 8.66 30.41 17.84
CA LYS J 29 8.22 31.69 17.32
C LYS J 29 7.19 31.52 16.22
N THR J 30 7.56 30.83 15.15
CA THR J 30 6.69 30.65 13.98
C THR J 30 5.50 29.75 14.27
N ARG J 31 4.33 30.21 13.86
CA ARG J 31 3.07 29.51 14.05
C ARG J 31 3.05 28.11 13.44
N LYS J 32 2.70 27.13 14.27
CA LYS J 32 2.44 25.77 13.83
C LYS J 32 0.93 25.59 13.60
N GLU J 33 0.51 25.51 12.34
CA GLU J 33 -0.93 25.39 12.04
C GLU J 33 -1.55 24.04 12.36
N SER J 34 -2.86 24.05 12.54
CA SER J 34 -3.58 22.89 13.04
C SER J 34 -5.05 22.98 12.60
N TYR J 35 -5.76 21.87 12.61
CA TYR J 35 -7.19 21.92 12.34
C TYR J 35 -7.99 21.97 13.64
N ALA J 36 -7.27 22.07 14.75
CA ALA J 36 -7.85 21.82 16.07
C ALA J 36 -9.08 22.68 16.42
N ILE J 37 -9.06 23.98 16.13
CA ILE J 37 -10.22 24.79 16.48
C ILE J 37 -11.43 24.41 15.65
N TYR J 38 -11.18 23.90 14.44
CA TYR J 38 -12.26 23.49 13.57
C TYR J 38 -12.82 22.16 14.00
N VAL J 39 -11.93 21.27 14.43
CA VAL J 39 -12.34 19.99 14.99
C VAL J 39 -13.16 20.23 16.24
N TYR J 40 -12.76 21.19 17.06
CA TYR J 40 -13.50 21.48 18.28
C TYR J 40 -14.88 22.05 17.97
N LYS J 41 -14.97 22.96 17.00
CA LYS J 41 -16.24 23.51 16.60
C LYS J 41 -17.21 22.41 16.21
N VAL J 42 -16.74 21.46 15.41
CA VAL J 42 -17.60 20.37 14.98
C VAL J 42 -18.01 19.49 16.15
N LEU J 43 -17.09 19.31 17.10
CA LEU J 43 -17.38 18.46 18.25
C LEU J 43 -18.55 19.01 19.05
N LYS J 44 -18.60 20.32 19.19
CA LYS J 44 -19.63 20.96 20.00
C LYS J 44 -21.01 20.92 19.37
N GLN J 45 -21.06 20.73 18.05
CA GLN J 45 -22.30 20.57 17.35
C GLN J 45 -22.83 19.14 17.36
N VAL J 46 -21.93 18.16 17.43
CA VAL J 46 -22.34 16.75 17.35
C VAL J 46 -22.47 16.16 18.74
N HIS J 47 -21.65 16.63 19.68
CA HIS J 47 -21.70 16.21 21.06
C HIS J 47 -21.42 17.39 21.96
N PRO J 48 -22.42 18.28 22.14
CA PRO J 48 -22.22 19.58 22.78
C PRO J 48 -21.78 19.47 24.23
N ASP J 49 -21.93 18.29 24.82
CA ASP J 49 -21.58 18.12 26.22
C ASP J 49 -20.32 17.26 26.35
N THR J 50 -19.67 16.98 25.23
CA THR J 50 -18.48 16.13 25.23
C THR J 50 -17.23 16.96 24.92
N GLY J 51 -16.12 16.62 25.57
CA GLY J 51 -14.86 17.27 25.31
C GLY J 51 -13.85 16.32 24.68
N ILE J 52 -12.61 16.78 24.54
CA ILE J 52 -11.61 15.97 23.86
C ILE J 52 -10.21 16.29 24.39
N SER J 53 -9.47 15.26 24.77
CA SER J 53 -8.12 15.45 25.29
C SER J 53 -7.19 15.94 24.19
N SER J 54 -6.04 16.47 24.57
CA SER J 54 -5.14 17.06 23.59
C SER J 54 -4.50 15.94 22.78
N LYS J 55 -4.25 14.81 23.41
CA LYS J 55 -3.77 13.65 22.70
C LYS J 55 -4.78 13.18 21.66
N ALA J 56 -6.06 13.17 22.00
CA ALA J 56 -7.10 12.81 21.05
C ALA J 56 -7.21 13.86 19.94
N MET J 57 -6.94 15.12 20.26
CA MET J 57 -7.02 16.18 19.26
C MET J 57 -5.88 16.10 18.27
N SER J 58 -4.74 15.64 18.75
CA SER J 58 -3.58 15.51 17.89
C SER J 58 -3.84 14.41 16.85
N ILE J 59 -4.46 13.34 17.32
CA ILE J 59 -4.87 12.25 16.46
C ILE J 59 -5.91 12.72 15.43
N MET J 60 -6.84 13.57 15.84
CA MET J 60 -7.81 14.12 14.89
C MET J 60 -7.11 14.96 13.82
N ASN J 61 -6.04 15.63 14.19
CA ASN J 61 -5.31 16.47 13.25
C ASN J 61 -4.56 15.60 12.23
N SER J 62 -3.98 14.53 12.73
CA SER J 62 -3.29 13.59 11.86
C SER J 62 -4.28 13.03 10.87
N PHE J 63 -5.49 12.76 11.37
CA PHE J 63 -6.56 12.26 10.54
C PHE J 63 -6.92 13.21 9.41
N VAL J 64 -7.11 14.49 9.73
CA VAL J 64 -7.55 15.43 8.70
C VAL J 64 -6.45 15.69 7.67
N ASN J 65 -5.21 15.78 8.12
CA ASN J 65 -4.08 15.96 7.21
C ASN J 65 -3.93 14.76 6.27
N ASP J 66 -4.11 13.56 6.85
CA ASP J 66 -4.04 12.30 6.11
C ASP J 66 -5.05 12.24 5.00
N VAL J 67 -6.33 12.41 5.33
CA VAL J 67 -7.38 12.32 4.32
C VAL J 67 -7.22 13.42 3.30
N PHE J 68 -6.79 14.59 3.75
CA PHE J 68 -6.49 15.69 2.83
C PHE J 68 -5.49 15.24 1.76
N GLU J 69 -4.36 14.70 2.19
CA GLU J 69 -3.32 14.29 1.25
C GLU J 69 -3.86 13.23 0.31
N ARG J 70 -4.50 12.21 0.88
CA ARG J 70 -5.01 11.10 0.09
C ARG J 70 -5.97 11.51 -1.01
N ILE J 71 -6.93 12.37 -0.68
CA ILE J 71 -7.89 12.82 -1.65
C ILE J 71 -7.20 13.74 -2.65
N ALA J 72 -6.45 14.71 -2.15
CA ALA J 72 -5.75 15.63 -3.02
C ALA J 72 -4.74 14.93 -3.94
N GLY J 73 -4.04 13.92 -3.42
CA GLY J 73 -3.11 13.17 -4.22
C GLY J 73 -3.81 12.39 -5.33
N GLU J 74 -4.95 11.80 -4.97
CA GLU J 74 -5.76 11.05 -5.91
C GLU J 74 -6.34 11.94 -6.99
N ALA J 75 -6.76 13.14 -6.59
CA ALA J 75 -7.30 14.11 -7.54
C ALA J 75 -6.20 14.56 -8.46
N SER J 76 -5.02 14.73 -7.87
CA SER J 76 -3.86 15.13 -8.62
C SER J 76 -3.59 14.11 -9.72
N ARG J 77 -3.52 12.84 -9.34
CA ARG J 77 -3.32 11.78 -10.32
C ARG J 77 -4.39 11.83 -11.40
N LEU J 78 -5.65 11.96 -10.99
CA LEU J 78 -6.79 12.05 -11.90
C LEU J 78 -6.61 13.10 -13.00
N ALA J 79 -6.31 14.33 -12.60
CA ALA J 79 -6.11 15.43 -13.56
C ALA J 79 -4.94 15.15 -14.51
N HIS J 80 -3.84 14.62 -14.00
CA HIS J 80 -2.72 14.28 -14.86
C HIS J 80 -3.08 13.20 -15.88
N TYR J 81 -3.76 12.14 -15.42
CA TYR J 81 -4.17 11.06 -16.30
C TYR J 81 -5.01 11.56 -17.46
N ASN J 82 -5.66 12.69 -17.25
CA ASN J 82 -6.56 13.24 -18.24
C ASN J 82 -6.04 14.51 -18.87
N LYS J 83 -4.76 14.80 -18.67
CA LYS J 83 -4.11 15.95 -19.29
C LYS J 83 -4.87 17.25 -19.03
N ARG J 84 -5.41 17.38 -17.82
CA ARG J 84 -6.00 18.64 -17.38
C ARG J 84 -5.06 19.30 -16.39
N SER J 85 -5.04 20.63 -16.35
CA SER J 85 -4.12 21.32 -15.47
C SER J 85 -4.84 21.97 -14.29
N THR J 86 -6.14 21.71 -14.18
CA THR J 86 -6.96 22.27 -13.11
C THR J 86 -7.59 21.18 -12.25
N ILE J 87 -7.47 21.31 -10.93
CA ILE J 87 -8.23 20.44 -10.05
C ILE J 87 -9.53 21.12 -9.65
N THR J 88 -10.63 20.60 -10.17
CA THR J 88 -11.95 21.12 -9.88
C THR J 88 -12.64 20.21 -8.88
N SER J 89 -13.83 20.62 -8.46
CA SER J 89 -14.59 19.85 -7.49
C SER J 89 -14.95 18.49 -8.07
N ARG J 90 -14.89 18.38 -9.40
CA ARG J 90 -15.15 17.09 -10.01
C ARG J 90 -14.00 16.12 -9.74
N GLU J 91 -12.77 16.63 -9.72
CA GLU J 91 -11.63 15.79 -9.42
C GLU J 91 -11.68 15.31 -7.98
N ILE J 92 -12.09 16.20 -7.08
CA ILE J 92 -12.27 15.85 -5.68
C ILE J 92 -13.33 14.78 -5.51
N GLN J 93 -14.41 14.89 -6.29
CA GLN J 93 -15.53 13.97 -6.15
C GLN J 93 -15.15 12.56 -6.57
N THR J 94 -14.52 12.44 -7.72
CA THR J 94 -14.07 11.15 -8.19
C THR J 94 -13.06 10.57 -7.21
N ALA J 95 -12.22 11.44 -6.66
CA ALA J 95 -11.24 11.07 -5.66
C ALA J 95 -11.90 10.47 -4.44
N VAL J 96 -12.97 11.10 -4.01
CA VAL J 96 -13.72 10.61 -2.86
C VAL J 96 -14.32 9.25 -3.15
N ARG J 97 -14.90 9.10 -4.34
CA ARG J 97 -15.52 7.85 -4.75
C ARG J 97 -14.53 6.72 -4.77
N LEU J 98 -13.29 7.02 -5.13
CA LEU J 98 -12.25 6.01 -5.18
C LEU J 98 -11.76 5.61 -3.80
N LEU J 99 -11.62 6.57 -2.91
CA LEU J 99 -11.02 6.35 -1.59
C LEU J 99 -11.97 5.88 -0.49
N LEU J 100 -13.16 6.45 -0.42
CA LEU J 100 -14.02 6.16 0.71
C LEU J 100 -14.89 4.91 0.49
N PRO J 101 -14.96 4.05 1.51
CA PRO J 101 -15.76 2.82 1.40
C PRO J 101 -17.25 3.11 1.35
N GLY J 102 -17.96 2.31 0.55
CA GLY J 102 -19.41 2.33 0.46
C GLY J 102 -20.14 3.58 0.89
N GLU J 103 -20.78 3.50 2.05
CA GLU J 103 -21.71 4.51 2.52
C GLU J 103 -21.03 5.85 2.82
N LEU J 104 -19.83 5.80 3.39
CA LEU J 104 -19.06 7.00 3.69
C LEU J 104 -18.86 7.82 2.44
N ALA J 105 -18.56 7.14 1.34
CA ALA J 105 -18.41 7.79 0.05
C ALA J 105 -19.70 8.50 -0.34
N LYS J 106 -20.82 7.82 -0.10
CA LYS J 106 -22.13 8.34 -0.46
C LYS J 106 -22.48 9.65 0.26
N HIS J 107 -22.34 9.66 1.58
CA HIS J 107 -22.66 10.85 2.36
C HIS J 107 -21.65 11.96 2.15
N ALA J 108 -20.40 11.60 1.86
CA ALA J 108 -19.37 12.59 1.60
C ALA J 108 -19.65 13.30 0.28
N VAL J 109 -19.98 12.55 -0.75
CA VAL J 109 -20.37 13.14 -2.03
C VAL J 109 -21.59 14.03 -1.84
N SER J 110 -22.52 13.57 -1.01
CA SER J 110 -23.71 14.36 -0.69
C SER J 110 -23.36 15.69 -0.03
N GLU J 111 -22.60 15.64 1.06
CA GLU J 111 -22.23 16.88 1.76
C GLU J 111 -21.37 17.78 0.89
N GLY J 112 -20.48 17.17 0.11
CA GLY J 112 -19.62 17.91 -0.79
C GLY J 112 -20.44 18.71 -1.78
N THR J 113 -21.44 18.06 -2.38
CA THR J 113 -22.31 18.74 -3.33
C THR J 113 -23.18 19.81 -2.66
N LYS J 114 -23.71 19.50 -1.47
CA LYS J 114 -24.48 20.48 -0.69
C LYS J 114 -23.70 21.77 -0.49
N ALA J 115 -22.47 21.64 0.00
CA ALA J 115 -21.64 22.80 0.28
C ALA J 115 -21.35 23.61 -0.98
N VAL J 116 -21.05 22.94 -2.08
CA VAL J 116 -20.74 23.67 -3.31
C VAL J 116 -21.98 24.41 -3.78
N THR J 117 -23.11 23.72 -3.80
CA THR J 117 -24.38 24.36 -4.13
C THR J 117 -24.64 25.59 -3.28
N LYS J 118 -24.63 25.40 -1.95
CA LYS J 118 -24.86 26.48 -1.02
C LYS J 118 -23.91 27.65 -1.27
N TYR J 119 -22.66 27.31 -1.56
CA TYR J 119 -21.63 28.31 -1.81
C TYR J 119 -21.94 29.16 -3.05
N THR J 120 -22.43 28.52 -4.10
CA THR J 120 -22.70 29.21 -5.36
C THR J 120 -23.90 30.16 -5.26
N SER J 121 -24.91 29.75 -4.50
CA SER J 121 -26.11 30.58 -4.35
C SER J 121 -25.77 31.90 -3.66
N ALA J 122 -24.79 31.88 -2.77
CA ALA J 122 -24.30 33.10 -2.15
C ALA J 122 -23.48 33.91 -3.16
N GLY K 2 -27.45 15.09 24.55
CA GLY K 2 -27.15 16.28 23.76
C GLY K 2 -27.24 15.98 22.27
N LYS K 3 -28.30 16.44 21.65
CA LYS K 3 -28.54 16.10 20.25
C LYS K 3 -27.59 16.85 19.31
N SER K 4 -27.13 16.15 18.29
CA SER K 4 -26.28 16.75 17.27
C SER K 4 -27.00 17.92 16.62
N THR K 5 -26.42 19.11 16.78
CA THR K 5 -26.91 20.29 16.08
C THR K 5 -26.02 20.56 14.88
N HIS K 6 -25.18 19.59 14.54
CA HIS K 6 -24.38 19.65 13.33
C HIS K 6 -25.25 19.36 12.11
N PRO K 7 -25.26 20.28 11.14
CA PRO K 7 -26.14 20.22 9.96
C PRO K 7 -25.84 19.10 8.97
N MET K 8 -24.91 18.19 9.28
CA MET K 8 -24.52 17.19 8.30
C MET K 8 -25.12 15.82 8.61
N VAL K 9 -25.60 15.14 7.58
CA VAL K 9 -26.21 13.83 7.74
C VAL K 9 -25.16 12.73 7.90
N THR K 10 -24.97 12.28 9.13
CA THR K 10 -24.11 11.13 9.36
C THR K 10 -24.90 9.87 9.04
N ARG K 11 -24.19 8.76 8.89
CA ARG K 11 -24.82 7.50 8.52
C ARG K 11 -25.87 7.07 9.54
N SER K 12 -25.63 7.36 10.81
CA SER K 12 -26.59 7.00 11.86
C SER K 12 -27.85 7.84 11.72
N LYS K 13 -27.68 9.06 11.26
CA LYS K 13 -28.83 9.94 11.05
C LYS K 13 -29.75 9.37 9.99
N ALA K 14 -29.17 8.76 8.97
CA ALA K 14 -29.93 8.20 7.87
C ALA K 14 -30.45 6.81 8.20
N ASP K 15 -30.82 6.62 9.46
CA ASP K 15 -31.46 5.37 9.88
C ASP K 15 -32.22 5.59 11.19
#